data_1ZFN
#
_entry.id   1ZFN
#
_cell.length_a   360.3
_cell.length_b   360.3
_cell.length_c   360.3
_cell.angle_alpha   90
_cell.angle_beta   90
_cell.angle_gamma   90
#
_symmetry.space_group_name_H-M   'F 41 3 2'
#
loop_
_entity.id
_entity.type
_entity.pdbx_description
1 polymer 'Adenylyltransferase thiF'
2 non-polymer 'ZINC ION'
3 non-polymer "ADENOSINE-5'-TRIPHOSPHATE"
#
_entity_poly.entity_id   1
_entity_poly.type   'polypeptide(L)'
_entity_poly.pdbx_seq_one_letter_code
;GSMNDRDFMRYSRQILLDDIALDGQQKLLDSQVLIIGLGGLGTPAALYLAGAGVGTLVLADDDDVHLSNLQRQILFTTED
IDRPKSQVSQQRLTQLNPDIQLTALQQRLTGEALKDAVARADVVLDCTDNMATRQEINAACVALNTPLITASAVGFGGQL
MVLTPPWEQGCYRCLWPDNQEPERNCRTAGVVGPVVGVMGTLQALEAIKLLSGIETPAGELRLFDGKSSQWRSLALRRAS
GCPVCGGSNADPV
;
_entity_poly.pdbx_strand_id   A,B,C,D
#
loop_
_chem_comp.id
_chem_comp.type
_chem_comp.name
_chem_comp.formula
ATP non-polymer ADENOSINE-5'-TRIPHOSPHATE 'C10 H16 N5 O13 P3'
ZN non-polymer 'ZINC ION' 'Zn 2'
#
# COMPACT_ATOMS: atom_id res chain seq x y z
N MET A 3 -13.25 -13.23 41.33
CA MET A 3 -12.63 -11.89 41.07
C MET A 3 -13.33 -10.78 41.89
N ASN A 4 -12.58 -9.68 42.14
CA ASN A 4 -13.00 -8.51 42.94
C ASN A 4 -14.31 -7.81 42.55
N ASP A 5 -14.42 -6.54 42.97
CA ASP A 5 -15.58 -5.68 42.72
C ASP A 5 -14.97 -4.36 42.23
N ARG A 6 -13.80 -4.01 42.78
CA ARG A 6 -13.09 -2.81 42.38
C ARG A 6 -12.51 -3.12 41.02
N ASP A 7 -12.02 -4.36 40.89
CA ASP A 7 -11.46 -4.87 39.65
C ASP A 7 -12.51 -4.83 38.55
N PHE A 8 -13.70 -5.31 38.88
CA PHE A 8 -14.77 -5.33 37.91
C PHE A 8 -14.97 -3.95 37.28
N MET A 9 -14.87 -2.91 38.09
CA MET A 9 -15.06 -1.55 37.61
C MET A 9 -13.92 -1.13 36.71
N ARG A 10 -12.69 -1.30 37.20
CA ARG A 10 -11.49 -0.96 36.45
C ARG A 10 -11.44 -1.61 35.06
N TYR A 11 -11.75 -2.91 34.99
CA TYR A 11 -11.72 -3.63 33.73
C TYR A 11 -13.09 -3.71 33.03
N SER A 12 -14.07 -2.96 33.54
CA SER A 12 -15.40 -2.97 32.97
C SER A 12 -15.49 -2.90 31.45
N ARG A 13 -14.86 -1.91 30.81
CA ARG A 13 -14.94 -1.77 29.34
C ARG A 13 -14.42 -3.00 28.62
N GLN A 14 -13.53 -3.72 29.30
CA GLN A 14 -12.94 -4.91 28.75
C GLN A 14 -13.85 -6.11 29.02
N ILE A 15 -14.34 -6.20 30.26
CA ILE A 15 -15.22 -7.28 30.69
C ILE A 15 -16.51 -7.35 29.85
N LEU A 16 -17.06 -6.20 29.51
CA LEU A 16 -18.28 -6.18 28.72
C LEU A 16 -18.12 -6.73 27.30
N LEU A 17 -16.91 -7.13 26.95
CA LEU A 17 -16.69 -7.67 25.62
C LEU A 17 -16.92 -9.17 25.58
N ASP A 18 -17.76 -9.61 24.64
CA ASP A 18 -18.08 -11.02 24.49
C ASP A 18 -16.83 -11.89 24.37
N ASP A 19 -15.82 -11.39 23.68
CA ASP A 19 -14.58 -12.14 23.48
C ASP A 19 -13.64 -12.16 24.67
N ILE A 20 -13.81 -11.22 25.60
CA ILE A 20 -12.95 -11.19 26.76
C ILE A 20 -13.73 -11.69 27.95
N ALA A 21 -14.86 -11.04 28.20
CA ALA A 21 -15.72 -11.39 29.32
C ALA A 21 -14.94 -11.56 30.61
N LEU A 22 -15.65 -12.00 31.63
CA LEU A 22 -15.07 -12.19 32.95
C LEU A 22 -13.98 -13.27 33.01
N ASP A 23 -14.23 -14.39 32.33
CA ASP A 23 -13.27 -15.50 32.32
C ASP A 23 -11.97 -15.07 31.65
N GLY A 24 -12.10 -14.37 30.53
CA GLY A 24 -10.93 -13.90 29.80
C GLY A 24 -10.14 -12.94 30.66
N GLN A 25 -10.85 -12.08 31.41
CA GLN A 25 -10.18 -11.11 32.26
C GLN A 25 -9.37 -11.82 33.32
N GLN A 26 -9.84 -13.02 33.70
CA GLN A 26 -9.14 -13.80 34.69
C GLN A 26 -7.85 -14.26 34.05
N LYS A 27 -7.93 -14.72 32.81
CA LYS A 27 -6.76 -15.18 32.08
C LYS A 27 -5.72 -14.06 32.04
N LEU A 28 -6.16 -12.87 31.64
CA LEU A 28 -5.25 -11.72 31.59
C LEU A 28 -4.60 -11.54 32.96
N LEU A 29 -5.41 -11.61 34.01
CA LEU A 29 -4.93 -11.44 35.39
C LEU A 29 -4.06 -12.59 35.88
N ASP A 30 -4.09 -13.72 35.18
CA ASP A 30 -3.29 -14.87 35.57
C ASP A 30 -2.07 -15.04 34.67
N SER A 31 -1.97 -14.19 33.66
CA SER A 31 -0.87 -14.26 32.71
C SER A 31 0.35 -13.44 33.11
N GLN A 32 1.46 -13.75 32.49
CA GLN A 32 2.71 -13.03 32.71
C GLN A 32 3.25 -12.67 31.34
N VAL A 33 3.63 -11.40 31.18
CA VAL A 33 4.17 -10.91 29.92
C VAL A 33 5.56 -10.30 30.10
N LEU A 34 6.51 -10.77 29.30
CA LEU A 34 7.87 -10.26 29.33
C LEU A 34 8.02 -9.25 28.20
N ILE A 35 8.43 -8.03 28.55
CA ILE A 35 8.62 -6.98 27.57
C ILE A 35 10.10 -6.58 27.56
N ILE A 36 10.86 -7.09 26.58
CA ILE A 36 12.28 -6.76 26.49
C ILE A 36 12.41 -5.43 25.72
N GLY A 37 12.82 -4.37 26.40
CA GLY A 37 12.98 -3.09 25.73
C GLY A 37 11.87 -2.13 26.08
N LEU A 38 12.23 -0.96 26.63
CA LEU A 38 11.22 0.01 27.03
C LEU A 38 11.40 1.37 26.34
N GLY A 39 11.49 1.31 25.01
CA GLY A 39 11.66 2.50 24.23
C GLY A 39 10.38 2.92 23.51
N GLY A 40 10.48 3.13 22.21
CA GLY A 40 9.34 3.57 21.42
C GLY A 40 8.25 2.54 21.27
N LEU A 41 8.62 1.27 21.23
CA LEU A 41 7.64 0.20 21.11
C LEU A 41 7.16 -0.25 22.48
N GLY A 42 8.11 -0.62 23.35
CA GLY A 42 7.78 -1.10 24.68
C GLY A 42 6.99 -0.16 25.58
N THR A 43 7.34 1.12 25.55
CA THR A 43 6.68 2.11 26.40
C THR A 43 5.15 2.11 26.24
N PRO A 44 4.64 2.16 25.01
CA PRO A 44 3.18 2.16 24.92
C PRO A 44 2.62 0.75 25.13
N ALA A 45 3.41 -0.26 24.78
CA ALA A 45 3.00 -1.67 24.93
C ALA A 45 2.74 -1.98 26.40
N ALA A 46 3.71 -1.63 27.24
CA ALA A 46 3.65 -1.85 28.67
C ALA A 46 2.48 -1.10 29.27
N LEU A 47 2.22 0.09 28.73
CA LEU A 47 1.15 0.93 29.20
C LEU A 47 -0.23 0.32 28.98
N TYR A 48 -0.49 -0.14 27.76
CA TYR A 48 -1.77 -0.73 27.43
C TYR A 48 -1.97 -2.11 28.05
N LEU A 49 -0.88 -2.83 28.28
CA LEU A 49 -1.01 -4.16 28.88
C LEU A 49 -1.32 -4.03 30.37
N ALA A 50 -0.75 -3.02 31.01
CA ALA A 50 -0.96 -2.77 32.41
C ALA A 50 -2.41 -2.31 32.60
N GLY A 51 -2.85 -1.39 31.75
CA GLY A 51 -4.22 -0.92 31.87
C GLY A 51 -5.24 -2.01 31.57
N ALA A 52 -4.81 -3.01 30.80
CA ALA A 52 -5.68 -4.12 30.43
C ALA A 52 -5.64 -5.21 31.50
N GLY A 53 -4.89 -4.97 32.56
CA GLY A 53 -4.81 -5.91 33.65
C GLY A 53 -4.05 -7.21 33.42
N VAL A 54 -2.81 -7.13 32.99
CA VAL A 54 -2.06 -8.37 32.81
C VAL A 54 -1.51 -8.62 34.20
N GLY A 55 -1.86 -9.77 34.75
CA GLY A 55 -1.42 -10.13 36.09
C GLY A 55 0.00 -9.75 36.42
N THR A 56 0.95 -10.27 35.65
CA THR A 56 2.36 -9.98 35.87
C THR A 56 3.04 -9.43 34.61
N LEU A 57 3.86 -8.40 34.78
CA LEU A 57 4.60 -7.77 33.69
C LEU A 57 6.07 -7.62 34.08
N VAL A 58 6.94 -8.25 33.28
CA VAL A 58 8.37 -8.14 33.53
C VAL A 58 8.90 -7.15 32.50
N LEU A 59 9.42 -6.02 32.98
CA LEU A 59 9.96 -4.99 32.10
C LEU A 59 11.50 -4.98 32.15
N ALA A 60 12.13 -5.31 31.03
CA ALA A 60 13.58 -5.37 30.94
C ALA A 60 14.20 -4.29 30.06
N ASP A 61 15.13 -3.54 30.63
CA ASP A 61 15.81 -2.50 29.88
C ASP A 61 17.03 -2.02 30.63
N ASP A 62 18.15 -1.98 29.92
CA ASP A 62 19.43 -1.57 30.48
C ASP A 62 19.77 -0.09 30.28
N ASP A 63 18.95 0.64 29.53
CA ASP A 63 19.21 2.05 29.27
C ASP A 63 18.60 3.01 30.30
N ASP A 64 19.00 4.28 30.22
CA ASP A 64 18.49 5.34 31.08
C ASP A 64 17.57 6.21 30.23
N VAL A 65 16.86 7.14 30.84
CA VAL A 65 15.97 8.01 30.09
C VAL A 65 16.75 9.21 29.57
N HIS A 66 16.80 9.37 28.26
CA HIS A 66 17.50 10.48 27.63
C HIS A 66 16.49 11.45 27.06
N LEU A 67 16.88 12.71 26.96
CA LEU A 67 15.99 13.74 26.46
C LEU A 67 15.38 13.46 25.08
N SER A 68 16.18 12.94 24.15
CA SER A 68 15.66 12.66 22.81
C SER A 68 14.55 11.61 22.81
N ASN A 69 14.44 10.87 23.90
CA ASN A 69 13.43 9.83 24.02
C ASN A 69 12.04 10.45 24.14
N LEU A 70 11.96 11.52 24.91
CA LEU A 70 10.71 12.21 25.18
C LEU A 70 9.90 12.65 23.97
N GLN A 71 10.27 12.20 22.78
CA GLN A 71 9.48 12.59 21.61
C GLN A 71 8.54 11.45 21.23
N ARG A 72 8.77 10.27 21.80
CA ARG A 72 7.93 9.13 21.45
C ARG A 72 7.77 8.05 22.52
N GLN A 73 8.59 8.10 23.56
CA GLN A 73 8.50 7.13 24.62
C GLN A 73 7.60 7.75 25.68
N ILE A 74 6.31 7.78 25.34
CA ILE A 74 5.25 8.36 26.15
C ILE A 74 5.15 8.04 27.64
N LEU A 75 5.78 6.97 28.10
CA LEU A 75 5.73 6.62 29.52
C LEU A 75 6.60 7.54 30.40
N PHE A 76 7.66 8.10 29.83
CA PHE A 76 8.57 8.97 30.58
C PHE A 76 8.23 10.47 30.51
N THR A 77 8.92 11.24 31.35
CA THR A 77 8.76 12.68 31.43
C THR A 77 10.17 13.28 31.58
N THR A 78 10.34 14.58 31.34
CA THR A 78 11.68 15.18 31.44
C THR A 78 12.30 14.98 32.83
N GLU A 79 11.46 15.06 33.86
CA GLU A 79 11.91 14.85 35.24
C GLU A 79 12.63 13.52 35.37
N ASP A 80 12.34 12.58 34.48
CA ASP A 80 12.95 11.26 34.53
C ASP A 80 14.29 11.15 33.82
N ILE A 81 14.78 12.25 33.26
CA ILE A 81 16.06 12.17 32.55
C ILE A 81 17.18 11.59 33.41
N ASP A 82 17.89 10.61 32.85
CA ASP A 82 19.01 9.92 33.49
C ASP A 82 18.64 8.82 34.49
N ARG A 83 17.38 8.78 34.90
CA ARG A 83 16.94 7.74 35.81
C ARG A 83 16.78 6.52 34.93
N PRO A 84 17.08 5.33 35.43
CA PRO A 84 16.94 4.14 34.58
C PRO A 84 15.52 3.85 34.09
N LYS A 85 15.43 3.47 32.82
CA LYS A 85 14.17 3.20 32.17
C LYS A 85 13.27 2.18 32.87
N SER A 86 13.82 1.00 33.17
CA SER A 86 13.04 -0.03 33.84
C SER A 86 12.45 0.47 35.15
N GLN A 87 13.28 1.12 35.97
CA GLN A 87 12.81 1.67 37.22
C GLN A 87 11.66 2.64 36.98
N VAL A 88 11.94 3.72 36.24
CA VAL A 88 10.92 4.71 35.95
C VAL A 88 9.66 4.08 35.39
N SER A 89 9.82 3.14 34.45
CA SER A 89 8.68 2.47 33.84
C SER A 89 7.83 1.77 34.90
N GLN A 90 8.46 0.87 35.65
CA GLN A 90 7.76 0.14 36.70
C GLN A 90 6.99 1.11 37.58
N GLN A 91 7.72 2.09 38.11
CA GLN A 91 7.17 3.10 38.98
C GLN A 91 5.89 3.73 38.41
N ARG A 92 5.94 4.19 37.16
CA ARG A 92 4.77 4.82 36.57
C ARG A 92 3.61 3.88 36.24
N LEU A 93 3.91 2.63 35.90
CA LEU A 93 2.85 1.67 35.61
C LEU A 93 2.08 1.39 36.90
N THR A 94 2.83 1.27 38.00
CA THR A 94 2.25 1.02 39.32
C THR A 94 1.18 2.06 39.66
N GLN A 95 1.42 3.30 39.26
CA GLN A 95 0.47 4.37 39.52
C GLN A 95 -0.76 4.24 38.63
N LEU A 96 -0.59 3.57 37.49
CA LEU A 96 -1.70 3.39 36.59
C LEU A 96 -2.56 2.26 37.14
N ASN A 97 -1.90 1.16 37.48
CA ASN A 97 -2.56 -0.01 38.03
C ASN A 97 -1.73 -0.60 39.15
N PRO A 98 -2.07 -0.25 40.40
CA PRO A 98 -1.37 -0.73 41.61
C PRO A 98 -1.62 -2.21 41.88
N ASP A 99 -2.76 -2.69 41.39
CA ASP A 99 -3.16 -4.09 41.59
C ASP A 99 -2.55 -5.08 40.61
N ILE A 100 -1.39 -4.76 40.07
CA ILE A 100 -0.72 -5.65 39.11
C ILE A 100 0.69 -5.99 39.59
N GLN A 101 1.23 -7.10 39.10
CA GLN A 101 2.57 -7.54 39.47
C GLN A 101 3.59 -6.97 38.49
N LEU A 102 4.32 -5.92 38.87
CA LEU A 102 5.33 -5.31 37.98
C LEU A 102 6.77 -5.53 38.44
N THR A 103 7.57 -6.16 37.58
CA THR A 103 8.97 -6.43 37.91
C THR A 103 9.93 -5.67 37.01
N ALA A 104 10.86 -4.93 37.62
CA ALA A 104 11.83 -4.13 36.86
C ALA A 104 13.20 -4.78 36.67
N LEU A 105 13.50 -5.15 35.44
CA LEU A 105 14.80 -5.75 35.10
C LEU A 105 15.75 -4.73 34.47
N GLN A 106 16.68 -4.23 35.27
CA GLN A 106 17.65 -3.26 34.82
C GLN A 106 18.88 -3.96 34.23
N GLN A 107 18.73 -4.51 33.03
CA GLN A 107 19.82 -5.22 32.36
C GLN A 107 19.54 -5.52 30.89
N ARG A 108 20.50 -6.15 30.21
CA ARG A 108 20.31 -6.53 28.83
C ARG A 108 20.15 -8.04 28.79
N LEU A 109 18.93 -8.50 28.59
CA LEU A 109 18.68 -9.93 28.58
C LEU A 109 19.46 -10.69 27.51
N THR A 110 20.25 -11.66 27.97
CA THR A 110 21.07 -12.48 27.09
C THR A 110 21.19 -13.84 27.74
N GLY A 111 22.27 -14.55 27.41
CA GLY A 111 22.54 -15.86 27.96
C GLY A 111 21.35 -16.58 28.56
N GLU A 112 21.54 -17.11 29.76
CA GLU A 112 20.49 -17.83 30.44
C GLU A 112 19.48 -16.87 31.04
N ALA A 113 19.96 -15.71 31.47
CA ALA A 113 19.07 -14.68 32.04
C ALA A 113 17.85 -14.55 31.15
N LEU A 114 18.07 -14.32 29.87
CA LEU A 114 17.00 -14.18 28.90
C LEU A 114 16.20 -15.48 28.78
N LYS A 115 16.90 -16.60 28.87
CA LYS A 115 16.25 -17.90 28.76
C LYS A 115 15.16 -18.18 29.80
N ASP A 116 15.53 -18.29 31.07
CA ASP A 116 14.54 -18.57 32.10
C ASP A 116 13.48 -17.49 32.22
N ALA A 117 13.75 -16.31 31.69
CA ALA A 117 12.80 -15.21 31.76
C ALA A 117 11.74 -15.42 30.71
N VAL A 118 12.14 -16.00 29.58
CA VAL A 118 11.22 -16.29 28.48
C VAL A 118 10.36 -17.46 28.95
N ALA A 119 11.01 -18.37 29.67
CA ALA A 119 10.35 -19.56 30.20
C ALA A 119 9.12 -19.17 31.00
N ARG A 120 9.35 -18.48 32.11
CA ARG A 120 8.30 -18.04 33.01
C ARG A 120 7.27 -17.16 32.32
N ALA A 121 7.59 -16.70 31.12
CA ALA A 121 6.68 -15.83 30.38
C ALA A 121 5.66 -16.60 29.56
N ASP A 122 4.43 -16.06 29.52
CA ASP A 122 3.33 -16.67 28.76
C ASP A 122 3.44 -16.21 27.32
N VAL A 123 3.90 -14.99 27.15
CA VAL A 123 4.09 -14.38 25.85
C VAL A 123 5.27 -13.44 26.01
N VAL A 124 6.04 -13.29 24.95
CA VAL A 124 7.17 -12.39 25.01
C VAL A 124 7.06 -11.32 23.94
N LEU A 125 7.35 -10.09 24.32
CA LEU A 125 7.29 -8.98 23.39
C LEU A 125 8.70 -8.47 23.10
N ASP A 126 9.19 -8.69 21.89
CA ASP A 126 10.49 -8.16 21.53
C ASP A 126 10.24 -6.69 21.20
N CYS A 127 10.77 -5.81 22.04
CA CYS A 127 10.60 -4.37 21.85
C CYS A 127 11.95 -3.72 21.74
N THR A 128 12.93 -4.53 21.36
CA THR A 128 14.28 -4.07 21.16
C THR A 128 14.42 -3.80 19.67
N ASP A 129 15.10 -2.71 19.33
CA ASP A 129 15.32 -2.44 17.93
C ASP A 129 16.79 -2.79 17.81
N ASN A 130 17.05 -4.08 17.66
CA ASN A 130 18.40 -4.60 17.58
C ASN A 130 18.33 -6.03 17.03
N MET A 131 18.71 -6.20 15.79
CA MET A 131 18.68 -7.51 15.12
C MET A 131 19.28 -8.64 15.93
N ALA A 132 20.39 -8.37 16.61
CA ALA A 132 21.07 -9.38 17.41
C ALA A 132 20.16 -9.89 18.52
N THR A 133 19.83 -9.00 19.45
CA THR A 133 18.96 -9.34 20.57
C THR A 133 17.74 -10.06 20.04
N ARG A 134 17.16 -9.50 18.98
CA ARG A 134 15.99 -10.09 18.39
C ARG A 134 16.21 -11.53 17.95
N GLN A 135 17.36 -11.81 17.34
CA GLN A 135 17.61 -13.17 16.87
C GLN A 135 17.78 -14.20 17.98
N GLU A 136 18.24 -13.78 19.14
CA GLU A 136 18.40 -14.71 20.24
C GLU A 136 17.13 -14.83 21.08
N ILE A 137 16.27 -13.83 20.97
CA ILE A 137 15.01 -13.86 21.68
C ILE A 137 14.22 -14.91 20.95
N ASN A 138 14.35 -14.88 19.63
CA ASN A 138 13.67 -15.82 18.76
C ASN A 138 14.14 -17.23 19.13
N ALA A 139 15.46 -17.40 19.24
CA ALA A 139 16.05 -18.69 19.58
C ALA A 139 15.44 -19.21 20.88
N ALA A 140 15.46 -18.37 21.90
CA ALA A 140 14.91 -18.74 23.19
C ALA A 140 13.40 -18.99 23.13
N CYS A 141 12.66 -18.13 22.45
CA CYS A 141 11.22 -18.32 22.36
C CYS A 141 10.83 -19.60 21.66
N VAL A 142 11.60 -20.00 20.66
CA VAL A 142 11.28 -21.23 19.94
C VAL A 142 11.67 -22.47 20.73
N ALA A 143 12.76 -22.35 21.48
CA ALA A 143 13.24 -23.45 22.30
C ALA A 143 12.27 -23.76 23.43
N LEU A 144 12.01 -22.75 24.25
CA LEU A 144 11.12 -22.87 25.39
C LEU A 144 9.67 -22.62 24.96
N ASN A 145 9.33 -23.05 23.75
CA ASN A 145 7.98 -22.87 23.19
C ASN A 145 7.12 -21.76 23.78
N THR A 146 7.62 -20.53 23.72
CA THR A 146 6.88 -19.37 24.22
C THR A 146 6.59 -18.46 23.03
N PRO A 147 5.33 -18.04 22.86
CA PRO A 147 4.97 -17.16 21.75
C PRO A 147 5.80 -15.88 21.76
N LEU A 148 6.04 -15.35 20.56
CA LEU A 148 6.83 -14.13 20.42
C LEU A 148 6.16 -13.13 19.50
N ILE A 149 5.98 -11.91 19.99
CA ILE A 149 5.40 -10.83 19.21
C ILE A 149 6.47 -9.77 19.00
N THR A 150 7.08 -9.77 17.82
CA THR A 150 8.14 -8.81 17.52
C THR A 150 7.71 -7.73 16.53
N ALA A 151 8.26 -6.53 16.73
CA ALA A 151 7.98 -5.38 15.88
C ALA A 151 9.19 -4.45 15.76
N SER A 152 9.18 -3.58 14.75
CA SER A 152 10.26 -2.61 14.57
C SER A 152 9.75 -1.38 13.85
N ALA A 153 10.45 -0.27 14.01
CA ALA A 153 10.07 0.98 13.35
C ALA A 153 11.28 1.84 12.97
N VAL A 154 11.24 2.39 11.76
CA VAL A 154 12.33 3.24 11.25
C VAL A 154 11.71 4.34 10.39
N GLY A 155 11.97 5.59 10.74
CA GLY A 155 11.41 6.68 9.98
C GLY A 155 9.90 6.68 10.00
N PHE A 156 9.30 6.36 8.85
CA PHE A 156 7.85 6.33 8.71
C PHE A 156 7.34 4.92 8.52
N GLY A 157 8.22 3.94 8.70
CA GLY A 157 7.77 2.58 8.48
C GLY A 157 7.83 1.70 9.71
N GLY A 158 6.84 0.83 9.82
CA GLY A 158 6.78 -0.08 10.95
C GLY A 158 6.58 -1.50 10.49
N GLN A 159 7.01 -2.44 11.34
CA GLN A 159 6.93 -3.85 11.03
C GLN A 159 6.51 -4.65 12.27
N LEU A 160 5.54 -5.55 12.09
CA LEU A 160 5.04 -6.38 13.18
C LEU A 160 4.93 -7.83 12.73
N MET A 161 5.09 -8.75 13.69
CA MET A 161 5.04 -10.17 13.35
C MET A 161 4.73 -11.01 14.61
N VAL A 162 3.79 -11.94 14.48
CA VAL A 162 3.39 -12.80 15.59
C VAL A 162 3.79 -14.26 15.28
N LEU A 163 4.64 -14.83 16.11
CA LEU A 163 5.11 -16.18 15.92
C LEU A 163 4.68 -17.08 17.08
N THR A 164 3.80 -18.04 16.81
CA THR A 164 3.28 -18.95 17.84
C THR A 164 3.94 -20.32 17.90
N PRO A 165 4.09 -20.88 19.13
CA PRO A 165 4.69 -22.15 19.50
C PRO A 165 4.87 -23.24 18.45
N PRO A 166 3.77 -23.69 17.79
CA PRO A 166 3.96 -24.74 16.78
C PRO A 166 4.88 -24.31 15.63
N TRP A 167 5.04 -23.00 15.47
CA TRP A 167 5.91 -22.45 14.45
C TRP A 167 5.52 -22.85 13.02
N GLU A 168 4.21 -22.96 12.78
CA GLU A 168 3.69 -23.35 11.48
C GLU A 168 4.33 -22.60 10.32
N GLN A 169 4.55 -21.30 10.49
CA GLN A 169 5.16 -20.48 9.44
C GLN A 169 6.60 -20.08 9.72
N GLY A 170 7.32 -20.90 10.47
CA GLY A 170 8.70 -20.61 10.76
C GLY A 170 8.96 -19.61 11.86
N CYS A 171 10.22 -19.28 12.08
CA CYS A 171 10.58 -18.30 13.10
C CYS A 171 11.25 -17.10 12.43
N TYR A 172 11.87 -16.24 13.23
CA TYR A 172 12.55 -15.06 12.70
C TYR A 172 13.73 -15.54 11.87
N ARG A 173 14.45 -16.52 12.41
CA ARG A 173 15.61 -17.12 11.75
C ARG A 173 15.20 -17.76 10.44
N CYS A 174 13.91 -18.03 10.31
CA CYS A 174 13.34 -18.63 9.11
C CYS A 174 13.17 -17.55 8.05
N LEU A 175 13.45 -16.32 8.42
CA LEU A 175 13.28 -15.18 7.52
C LEU A 175 14.55 -14.31 7.44
N TRP A 176 15.50 -14.56 8.33
CA TRP A 176 16.71 -13.79 8.36
C TRP A 176 17.84 -14.59 9.00
N PRO A 177 18.72 -15.20 8.18
CA PRO A 177 19.85 -16.02 8.66
C PRO A 177 20.94 -15.20 9.33
N ASP A 178 21.18 -14.00 8.82
CA ASP A 178 22.19 -13.13 9.40
C ASP A 178 21.79 -12.64 10.76
N ASN A 179 22.69 -11.89 11.39
CA ASN A 179 22.46 -11.32 12.70
C ASN A 179 22.82 -9.85 12.56
N GLN A 180 22.78 -9.37 11.33
CA GLN A 180 23.10 -7.98 11.05
C GLN A 180 21.93 -7.27 10.39
N GLU A 181 21.84 -5.96 10.65
CA GLU A 181 20.78 -5.14 10.11
C GLU A 181 20.71 -5.14 8.59
N PRO A 182 19.53 -4.82 8.04
CA PRO A 182 19.33 -4.78 6.60
C PRO A 182 19.75 -3.37 6.18
N GLU A 183 19.55 -3.02 4.91
CA GLU A 183 19.90 -1.69 4.45
C GLU A 183 18.90 -0.63 4.94
N ARG A 184 18.26 -0.92 6.08
CA ARG A 184 17.31 -0.01 6.69
C ARG A 184 18.20 0.83 7.61
N ASN A 185 19.41 1.08 7.13
CA ASN A 185 20.42 1.84 7.87
C ASN A 185 20.50 3.29 7.44
N CYS A 186 20.04 3.59 6.23
CA CYS A 186 20.08 4.94 5.71
C CYS A 186 18.99 5.80 6.35
N ARG A 187 17.73 5.42 6.14
CA ARG A 187 16.59 6.14 6.71
C ARG A 187 16.72 6.38 8.20
N THR A 188 17.36 5.43 8.89
CA THR A 188 17.52 5.47 10.35
C THR A 188 18.13 6.74 10.91
N ALA A 189 17.74 7.87 10.33
CA ALA A 189 18.20 9.16 10.80
C ALA A 189 17.37 9.45 12.04
N GLY A 190 16.28 8.71 12.18
CA GLY A 190 15.37 8.85 13.31
C GLY A 190 14.08 8.06 13.08
N VAL A 191 13.00 8.47 13.73
CA VAL A 191 11.73 7.78 13.59
C VAL A 191 10.57 8.67 14.01
N VAL A 192 9.41 8.46 13.37
CA VAL A 192 8.19 9.24 13.66
C VAL A 192 7.45 8.66 14.87
N GLY A 193 7.22 9.50 15.88
CA GLY A 193 6.53 9.06 17.09
C GLY A 193 5.31 8.18 16.90
N PRO A 194 4.23 8.72 16.31
CA PRO A 194 3.04 7.92 16.10
C PRO A 194 3.29 6.61 15.35
N VAL A 195 4.23 6.60 14.42
CA VAL A 195 4.50 5.38 13.68
C VAL A 195 4.98 4.26 14.62
N VAL A 196 6.01 4.51 15.41
CA VAL A 196 6.47 3.45 16.29
C VAL A 196 5.41 3.20 17.36
N GLY A 197 4.66 4.24 17.68
CA GLY A 197 3.60 4.11 18.68
C GLY A 197 2.55 3.11 18.26
N VAL A 198 2.04 3.25 17.04
CA VAL A 198 1.04 2.33 16.54
C VAL A 198 1.56 0.90 16.66
N MET A 199 2.83 0.71 16.33
CA MET A 199 3.46 -0.59 16.35
C MET A 199 3.54 -1.25 17.73
N GLY A 200 4.00 -0.50 18.73
CA GLY A 200 4.09 -1.06 20.07
C GLY A 200 2.68 -1.34 20.60
N THR A 201 1.78 -0.41 20.35
CA THR A 201 0.40 -0.55 20.76
C THR A 201 -0.19 -1.82 20.13
N LEU A 202 0.15 -2.09 18.87
CA LEU A 202 -0.35 -3.29 18.23
C LEU A 202 0.27 -4.53 18.86
N GLN A 203 1.49 -4.44 19.35
CA GLN A 203 2.08 -5.63 19.98
C GLN A 203 1.23 -5.99 21.19
N ALA A 204 0.69 -4.97 21.85
CA ALA A 204 -0.16 -5.16 23.02
C ALA A 204 -1.48 -5.82 22.64
N LEU A 205 -2.13 -5.31 21.61
CA LEU A 205 -3.39 -5.88 21.16
C LEU A 205 -3.18 -7.37 20.91
N GLU A 206 -2.15 -7.71 20.15
CA GLU A 206 -1.86 -9.11 19.83
C GLU A 206 -1.55 -9.95 21.06
N ALA A 207 -0.95 -9.35 22.09
CA ALA A 207 -0.63 -10.09 23.30
C ALA A 207 -1.91 -10.33 24.09
N ILE A 208 -2.83 -9.38 24.02
CA ILE A 208 -4.10 -9.52 24.73
C ILE A 208 -4.88 -10.67 24.13
N LYS A 209 -5.03 -10.65 22.80
CA LYS A 209 -5.76 -11.68 22.09
C LYS A 209 -5.17 -13.08 22.28
N LEU A 210 -3.85 -13.17 22.29
CA LEU A 210 -3.19 -14.47 22.46
C LEU A 210 -3.48 -15.03 23.85
N LEU A 211 -3.36 -14.18 24.86
CA LEU A 211 -3.61 -14.59 26.24
C LEU A 211 -5.10 -14.86 26.48
N SER A 212 -5.98 -14.02 25.95
CA SER A 212 -7.41 -14.25 26.16
C SER A 212 -7.93 -15.25 25.13
N GLY A 213 -7.01 -16.04 24.59
CA GLY A 213 -7.34 -17.05 23.60
C GLY A 213 -8.26 -16.64 22.47
N ILE A 214 -8.11 -15.43 21.93
CA ILE A 214 -8.95 -15.00 20.81
C ILE A 214 -8.31 -15.49 19.51
N GLU A 215 -9.15 -15.82 18.54
CA GLU A 215 -8.69 -16.31 17.25
C GLU A 215 -8.18 -15.20 16.34
N THR A 216 -6.87 -15.11 16.22
CA THR A 216 -6.26 -14.09 15.37
C THR A 216 -5.01 -14.60 14.65
N PRO A 217 -4.93 -14.31 13.34
CA PRO A 217 -3.82 -14.72 12.48
C PRO A 217 -2.44 -14.54 13.11
N ALA A 218 -1.47 -15.20 12.49
CA ALA A 218 -0.07 -15.17 12.91
C ALA A 218 0.72 -15.69 11.70
N GLY A 219 2.03 -15.64 11.77
CA GLY A 219 2.83 -16.11 10.65
C GLY A 219 2.59 -15.23 9.43
N GLU A 220 2.37 -13.95 9.71
CA GLU A 220 2.12 -12.96 8.70
C GLU A 220 2.97 -11.78 9.07
N LEU A 221 3.71 -11.24 8.12
CA LEU A 221 4.54 -10.06 8.38
C LEU A 221 3.66 -8.89 7.99
N ARG A 222 3.37 -8.02 8.95
CA ARG A 222 2.54 -6.86 8.68
C ARG A 222 3.36 -5.59 8.60
N LEU A 223 3.20 -4.88 7.49
CA LEU A 223 3.93 -3.66 7.24
C LEU A 223 3.02 -2.45 7.24
N PHE A 224 3.50 -1.36 7.83
CA PHE A 224 2.75 -0.12 7.88
C PHE A 224 3.57 1.01 7.25
N ASP A 225 2.93 1.76 6.36
CA ASP A 225 3.60 2.88 5.75
C ASP A 225 2.97 4.15 6.31
N GLY A 226 3.68 4.81 7.21
CA GLY A 226 3.18 6.02 7.83
C GLY A 226 3.08 7.18 6.87
N LYS A 227 3.88 7.14 5.81
CA LYS A 227 3.88 8.20 4.82
C LYS A 227 2.59 8.17 4.03
N SER A 228 2.17 6.99 3.59
CA SER A 228 0.93 6.89 2.81
C SER A 228 -0.22 6.41 3.66
N SER A 229 0.08 5.97 4.89
CA SER A 229 -0.92 5.47 5.80
C SER A 229 -1.58 4.20 5.28
N GLN A 230 -0.79 3.32 4.66
CA GLN A 230 -1.30 2.07 4.12
C GLN A 230 -0.69 0.83 4.77
N TRP A 231 -1.45 -0.25 4.87
CA TRP A 231 -0.93 -1.49 5.46
C TRP A 231 -0.72 -2.60 4.41
N ARG A 232 0.20 -3.51 4.68
CA ARG A 232 0.47 -4.61 3.75
C ARG A 232 0.76 -5.86 4.55
N SER A 233 0.49 -7.01 3.97
CA SER A 233 0.76 -8.27 4.63
C SER A 233 1.58 -9.20 3.72
N LEU A 234 2.69 -9.68 4.26
CA LEU A 234 3.55 -10.61 3.52
C LEU A 234 3.44 -11.97 4.18
N ALA A 235 3.02 -12.96 3.40
CA ALA A 235 2.89 -14.32 3.89
C ALA A 235 4.27 -14.86 4.23
N LEU A 236 4.41 -15.50 5.39
CA LEU A 236 5.68 -16.08 5.78
C LEU A 236 5.60 -17.58 5.60
N ARG A 237 6.73 -18.26 5.72
CA ARG A 237 6.75 -19.71 5.62
C ARG A 237 8.10 -20.31 5.93
N ARG A 238 8.09 -21.23 6.90
CA ARG A 238 9.28 -21.93 7.40
C ARG A 238 10.32 -22.27 6.36
N ALA A 239 11.55 -21.86 6.64
CA ALA A 239 12.66 -22.13 5.75
C ALA A 239 13.18 -23.54 6.02
N SER A 240 12.93 -24.43 5.08
CA SER A 240 13.36 -25.82 5.19
C SER A 240 14.83 -25.90 5.59
N GLY A 241 15.07 -26.15 6.87
CA GLY A 241 16.44 -26.25 7.36
C GLY A 241 16.86 -25.13 8.27
N CYS A 242 15.90 -24.49 8.93
CA CYS A 242 16.21 -23.39 9.84
C CYS A 242 16.90 -23.98 11.07
N PRO A 243 18.15 -23.58 11.31
CA PRO A 243 18.91 -24.08 12.47
C PRO A 243 18.12 -24.01 13.78
N VAL A 244 16.91 -23.43 13.70
CA VAL A 244 16.00 -23.32 14.84
C VAL A 244 14.74 -24.17 14.57
N CYS A 245 14.02 -23.88 13.50
CA CYS A 245 12.83 -24.66 13.12
C CYS A 245 13.24 -25.66 12.05
N GLY A 246 13.11 -26.94 12.32
CA GLY A 246 13.48 -27.90 11.31
C GLY A 246 14.26 -29.06 11.89
N MET B 3 15.68 27.79 18.68
CA MET B 3 16.32 26.48 18.40
C MET B 3 17.66 26.38 19.10
N ASN B 4 17.65 25.89 20.35
CA ASN B 4 18.87 25.73 21.15
C ASN B 4 19.29 24.26 21.32
N ASP B 5 20.36 24.02 22.07
CA ASP B 5 20.85 22.65 22.28
C ASP B 5 19.77 21.68 22.78
N ARG B 6 18.97 22.13 23.74
CA ARG B 6 17.90 21.32 24.33
C ARG B 6 16.87 20.93 23.28
N ASP B 7 16.40 21.92 22.53
CA ASP B 7 15.41 21.66 21.49
C ASP B 7 15.94 20.82 20.35
N PHE B 8 17.21 20.98 19.97
CA PHE B 8 17.73 20.15 18.89
C PHE B 8 17.73 18.69 19.33
N MET B 9 18.25 18.41 20.51
CA MET B 9 18.33 17.04 21.01
C MET B 9 16.92 16.45 21.19
N ARG B 10 16.05 17.24 21.81
CA ARG B 10 14.67 16.87 22.05
C ARG B 10 13.95 16.33 20.80
N TYR B 11 14.07 17.05 19.67
CA TYR B 11 13.41 16.65 18.43
C TYR B 11 14.31 15.94 17.43
N SER B 12 15.51 15.56 17.85
CA SER B 12 16.44 14.91 16.95
C SER B 12 15.93 13.78 16.06
N ARG B 13 15.13 12.86 16.59
CA ARG B 13 14.67 11.75 15.76
C ARG B 13 13.65 12.12 14.68
N GLN B 14 13.24 13.37 14.64
CA GLN B 14 12.32 13.85 13.62
C GLN B 14 13.14 14.75 12.67
N ILE B 15 13.89 15.66 13.29
CA ILE B 15 14.74 16.61 12.58
C ILE B 15 15.63 15.97 11.53
N LEU B 16 16.09 14.76 11.78
CA LEU B 16 16.95 14.13 10.80
C LEU B 16 16.17 13.36 9.73
N LEU B 17 14.84 13.47 9.77
CA LEU B 17 14.02 12.77 8.79
C LEU B 17 13.78 13.70 7.62
N ASP B 18 14.04 13.21 6.42
CA ASP B 18 13.88 14.02 5.22
C ASP B 18 12.51 14.65 5.04
N ASP B 19 11.46 13.93 5.43
CA ASP B 19 10.11 14.48 5.28
C ASP B 19 9.66 15.44 6.38
N ILE B 20 10.46 15.59 7.44
CA ILE B 20 10.11 16.52 8.49
C ILE B 20 11.19 17.58 8.52
N ALA B 21 12.36 17.23 9.03
CA ALA B 21 13.49 18.16 9.07
C ALA B 21 13.27 19.39 9.91
N LEU B 22 14.21 20.33 9.83
CA LEU B 22 14.10 21.56 10.62
C LEU B 22 12.84 22.30 10.21
N ASP B 23 12.59 22.29 8.91
CA ASP B 23 11.43 22.95 8.33
C ASP B 23 10.13 22.47 8.95
N GLY B 24 9.96 21.15 9.02
CA GLY B 24 8.75 20.58 9.60
C GLY B 24 8.68 20.87 11.09
N GLN B 25 9.79 20.66 11.78
CA GLN B 25 9.83 20.93 13.22
C GLN B 25 9.44 22.38 13.47
N GLN B 26 9.87 23.24 12.56
CA GLN B 26 9.55 24.64 12.67
C GLN B 26 8.07 24.87 12.47
N LYS B 27 7.48 24.17 11.50
CA LYS B 27 6.04 24.32 11.26
C LYS B 27 5.28 23.80 12.48
N LEU B 28 5.66 22.63 12.97
CA LEU B 28 5.01 22.05 14.13
C LEU B 28 4.98 23.05 15.29
N LEU B 29 6.15 23.60 15.60
CA LEU B 29 6.31 24.57 16.68
C LEU B 29 5.55 25.88 16.48
N ASP B 30 5.01 26.08 15.28
CA ASP B 30 4.23 27.29 14.98
C ASP B 30 2.77 26.93 14.85
N SER B 31 2.45 25.65 15.04
CA SER B 31 1.07 25.17 14.90
C SER B 31 0.31 25.13 16.23
N GLN B 32 -1.00 25.00 16.12
CA GLN B 32 -1.87 24.88 17.27
C GLN B 32 -2.92 23.83 16.90
N VAL B 33 -3.08 22.83 17.76
CA VAL B 33 -4.06 21.78 17.52
C VAL B 33 -5.08 21.76 18.65
N LEU B 34 -6.34 21.56 18.28
CA LEU B 34 -7.41 21.48 19.26
C LEU B 34 -7.80 20.00 19.46
N ILE B 35 -7.64 19.50 20.68
CA ILE B 35 -8.01 18.12 20.95
C ILE B 35 -9.31 18.12 21.75
N ILE B 36 -10.45 18.07 21.06
CA ILE B 36 -11.75 18.06 21.74
C ILE B 36 -12.00 16.65 22.28
N GLY B 37 -11.92 16.50 23.60
CA GLY B 37 -12.13 15.19 24.22
C GLY B 37 -10.84 14.50 24.63
N LEU B 38 -10.70 14.18 25.92
CA LEU B 38 -9.48 13.53 26.40
C LEU B 38 -9.72 12.14 26.99
N GLY B 39 -10.23 11.23 26.14
CA GLY B 39 -10.50 9.87 26.57
C GLY B 39 -9.54 8.84 26.04
N GLY B 40 -10.05 7.74 25.50
CA GLY B 40 -9.19 6.70 24.96
C GLY B 40 -8.41 7.15 23.72
N LEU B 41 -9.05 7.98 22.92
CA LEU B 41 -8.47 8.53 21.70
C LEU B 41 -7.54 9.71 21.99
N GLY B 42 -8.13 10.79 22.50
CA GLY B 42 -7.40 12.00 22.82
C GLY B 42 -6.21 11.80 23.71
N THR B 43 -6.27 10.79 24.58
CA THR B 43 -5.15 10.57 25.48
C THR B 43 -3.84 10.30 24.75
N PRO B 44 -3.75 9.17 24.01
CA PRO B 44 -2.48 8.93 23.31
C PRO B 44 -2.20 10.04 22.31
N ALA B 45 -3.24 10.56 21.68
CA ALA B 45 -3.05 11.62 20.71
C ALA B 45 -2.35 12.82 21.32
N ALA B 46 -2.91 13.40 22.37
CA ALA B 46 -2.27 14.55 22.98
C ALA B 46 -0.83 14.22 23.32
N LEU B 47 -0.61 13.03 23.87
CA LEU B 47 0.72 12.59 24.26
C LEU B 47 1.72 12.64 23.09
N TYR B 48 1.36 12.06 21.95
CA TYR B 48 2.26 12.06 20.79
C TYR B 48 2.46 13.42 20.12
N LEU B 49 1.44 14.28 20.15
CA LEU B 49 1.56 15.58 19.54
C LEU B 49 2.43 16.50 20.40
N ALA B 50 2.41 16.27 21.72
CA ALA B 50 3.21 17.05 22.65
C ALA B 50 4.67 16.60 22.52
N GLY B 51 4.85 15.29 22.45
CA GLY B 51 6.18 14.76 22.31
C GLY B 51 6.80 15.21 20.98
N ALA B 52 5.97 15.33 19.95
CA ALA B 52 6.43 15.76 18.62
C ALA B 52 6.82 17.23 18.59
N GLY B 53 6.32 17.98 19.57
CA GLY B 53 6.62 19.39 19.62
C GLY B 53 5.62 20.27 18.89
N VAL B 54 4.34 20.01 19.02
CA VAL B 54 3.38 20.89 18.35
C VAL B 54 3.41 22.14 19.24
N GLY B 55 3.54 23.30 18.62
CA GLY B 55 3.62 24.54 19.35
C GLY B 55 2.58 24.77 20.45
N THR B 56 1.31 24.59 20.11
CA THR B 56 0.25 24.82 21.08
C THR B 56 -0.84 23.76 21.04
N LEU B 57 -1.14 23.22 22.20
CA LEU B 57 -2.18 22.21 22.32
C LEU B 57 -3.32 22.69 23.20
N VAL B 58 -4.52 22.76 22.62
CA VAL B 58 -5.71 23.14 23.37
C VAL B 58 -6.41 21.82 23.74
N LEU B 59 -6.26 21.43 25.00
CA LEU B 59 -6.83 20.19 25.51
C LEU B 59 -8.18 20.43 26.17
N ALA B 60 -9.27 20.17 25.43
CA ALA B 60 -10.62 20.39 25.92
C ALA B 60 -11.37 19.18 26.45
N ASP B 61 -11.88 19.28 27.68
CA ASP B 61 -12.67 18.20 28.27
C ASP B 61 -13.33 18.56 29.60
N ASP B 62 -14.65 18.43 29.61
CA ASP B 62 -15.45 18.72 30.79
C ASP B 62 -15.83 17.40 31.44
N ASP B 63 -14.90 16.84 32.21
CA ASP B 63 -15.12 15.58 32.90
C ASP B 63 -13.87 15.27 33.74
N ASP B 64 -14.03 14.36 34.70
CA ASP B 64 -12.94 13.96 35.60
C ASP B 64 -12.52 12.53 35.31
N VAL B 65 -11.37 12.13 35.86
CA VAL B 65 -10.90 10.77 35.65
C VAL B 65 -11.81 9.80 36.39
N HIS B 66 -11.87 8.56 35.95
CA HIS B 66 -12.68 7.54 36.60
C HIS B 66 -11.86 6.27 36.56
N LEU B 67 -12.08 5.37 37.52
CA LEU B 67 -11.33 4.12 37.59
C LEU B 67 -11.40 3.27 36.32
N SER B 68 -12.57 3.24 35.68
CA SER B 68 -12.77 2.45 34.46
C SER B 68 -11.94 3.07 33.33
N ASN B 69 -11.65 4.36 33.47
CA ASN B 69 -10.88 5.07 32.49
C ASN B 69 -9.46 4.55 32.37
N LEU B 70 -8.85 4.21 33.50
CA LEU B 70 -7.48 3.71 33.56
C LEU B 70 -7.17 2.43 32.78
N GLN B 71 -8.11 1.94 31.99
CA GLN B 71 -7.84 0.72 31.25
C GLN B 71 -7.35 1.03 29.83
N ARG B 72 -7.57 2.28 29.39
CA ARG B 72 -7.16 2.68 28.05
C ARG B 72 -6.70 4.13 27.93
N GLN B 73 -6.97 4.95 28.93
CA GLN B 73 -6.58 6.36 28.91
C GLN B 73 -5.23 6.53 29.60
N ILE B 74 -4.20 6.05 28.91
CA ILE B 74 -2.79 6.03 29.34
C ILE B 74 -2.14 7.29 29.93
N LEU B 75 -2.74 8.46 29.76
CA LEU B 75 -2.20 9.71 30.29
C LEU B 75 -2.48 9.90 31.79
N PHE B 76 -3.42 9.13 32.33
CA PHE B 76 -3.81 9.22 33.73
C PHE B 76 -3.33 8.09 34.61
N THR B 77 -3.42 8.30 35.92
CA THR B 77 -3.04 7.31 36.92
C THR B 77 -4.21 7.20 37.88
N THR B 78 -4.17 6.22 38.78
CA THR B 78 -5.26 6.06 39.72
C THR B 78 -5.37 7.27 40.65
N GLU B 79 -4.23 7.84 40.99
CA GLU B 79 -4.20 9.00 41.88
C GLU B 79 -4.90 10.25 41.34
N ASP B 80 -5.26 10.23 40.06
CA ASP B 80 -5.94 11.38 39.44
C ASP B 80 -7.44 11.09 39.39
N ILE B 81 -7.79 9.87 39.84
CA ILE B 81 -9.16 9.36 39.82
C ILE B 81 -10.30 10.37 39.90
N ASP B 82 -10.17 11.43 40.70
CA ASP B 82 -11.28 12.37 40.76
C ASP B 82 -11.03 13.79 40.31
N ARG B 83 -9.82 14.08 39.82
CA ARG B 83 -9.45 15.41 39.35
C ARG B 83 -9.96 15.55 37.92
N PRO B 84 -10.22 16.77 37.45
CA PRO B 84 -10.70 16.93 36.07
C PRO B 84 -9.64 16.48 35.07
N LYS B 85 -10.09 16.02 33.92
CA LYS B 85 -9.18 15.53 32.89
C LYS B 85 -8.34 16.64 32.25
N SER B 86 -9.00 17.67 31.74
CA SER B 86 -8.30 18.78 31.09
C SER B 86 -7.20 19.32 31.99
N GLN B 87 -7.36 19.17 33.30
CA GLN B 87 -6.36 19.64 34.24
C GLN B 87 -5.22 18.64 34.32
N VAL B 88 -5.56 17.38 34.60
CA VAL B 88 -4.55 16.33 34.73
C VAL B 88 -3.69 16.22 33.47
N SER B 89 -4.34 16.15 32.32
CA SER B 89 -3.64 16.04 31.05
C SER B 89 -2.62 17.15 30.93
N GLN B 90 -3.13 18.37 31.04
CA GLN B 90 -2.35 19.59 30.93
C GLN B 90 -1.11 19.56 31.83
N GLN B 91 -1.26 19.06 33.05
CA GLN B 91 -0.12 19.01 33.96
C GLN B 91 0.87 17.90 33.62
N ARG B 92 0.33 16.75 33.24
CA ARG B 92 1.16 15.60 32.90
C ARG B 92 1.89 15.82 31.56
N LEU B 93 1.27 16.54 30.64
CA LEU B 93 1.90 16.82 29.35
C LEU B 93 2.98 17.89 29.51
N THR B 94 2.77 18.81 30.44
CA THR B 94 3.75 19.85 30.68
C THR B 94 5.04 19.21 31.18
N GLN B 95 4.91 18.15 31.96
CA GLN B 95 6.08 17.46 32.49
C GLN B 95 6.85 16.84 31.32
N LEU B 96 6.11 16.34 30.34
CA LEU B 96 6.72 15.71 29.17
C LEU B 96 7.51 16.71 28.34
N ASN B 97 6.86 17.82 27.99
CA ASN B 97 7.43 18.89 27.20
C ASN B 97 7.06 20.23 27.83
N PRO B 98 7.93 20.77 28.68
CA PRO B 98 7.69 22.05 29.37
C PRO B 98 7.86 23.23 28.43
N ASP B 99 8.51 22.97 27.31
CA ASP B 99 8.78 24.01 26.33
C ASP B 99 7.62 24.42 25.44
N ILE B 100 6.54 23.63 25.40
CA ILE B 100 5.41 24.01 24.56
C ILE B 100 4.23 24.61 25.33
N GLN B 101 3.30 25.19 24.58
CA GLN B 101 2.11 25.81 25.13
C GLN B 101 0.98 24.78 25.34
N LEU B 102 0.54 24.60 26.59
CA LEU B 102 -0.52 23.64 26.90
C LEU B 102 -1.71 24.31 27.60
N THR B 103 -2.76 24.52 26.82
CA THR B 103 -3.98 25.16 27.31
C THR B 103 -5.10 24.19 27.71
N ALA B 104 -5.47 24.20 28.99
CA ALA B 104 -6.55 23.35 29.45
C ALA B 104 -7.87 24.09 29.27
N LEU B 105 -8.79 23.46 28.55
CA LEU B 105 -10.08 24.06 28.27
C LEU B 105 -11.17 23.19 28.89
N GLN B 106 -11.22 23.17 30.23
CA GLN B 106 -12.17 22.38 30.99
C GLN B 106 -13.65 22.75 30.77
N GLN B 107 -14.26 22.18 29.75
CA GLN B 107 -15.66 22.46 29.43
C GLN B 107 -16.10 21.58 28.26
N ARG B 108 -17.40 21.56 28.00
CA ARG B 108 -17.93 20.80 26.87
C ARG B 108 -18.14 21.80 25.75
N LEU B 109 -17.30 21.75 24.73
CA LEU B 109 -17.39 22.69 23.61
C LEU B 109 -18.68 22.59 22.80
N THR B 110 -19.32 23.75 22.60
CA THR B 110 -20.57 23.86 21.84
C THR B 110 -20.71 25.26 21.27
N GLY B 111 -21.72 25.44 20.43
CA GLY B 111 -21.98 26.74 19.84
C GLY B 111 -20.79 27.64 19.52
N GLU B 112 -20.76 28.82 20.14
CA GLU B 112 -19.69 29.78 19.90
C GLU B 112 -18.34 29.36 20.49
N ALA B 113 -18.36 28.91 21.74
CA ALA B 113 -17.14 28.46 22.41
C ALA B 113 -16.38 27.53 21.47
N LEU B 114 -17.11 26.64 20.82
CA LEU B 114 -16.51 25.69 19.90
C LEU B 114 -15.93 26.41 18.70
N LYS B 115 -16.75 27.27 18.09
CA LYS B 115 -16.34 28.04 16.93
C LYS B 115 -15.11 28.91 17.19
N ASP B 116 -15.03 29.50 18.36
CA ASP B 116 -13.87 30.34 18.66
C ASP B 116 -12.62 29.46 18.68
N ALA B 117 -12.76 28.27 19.27
CA ALA B 117 -11.64 27.34 19.36
C ALA B 117 -11.24 26.79 17.99
N VAL B 118 -12.21 26.24 17.26
CA VAL B 118 -11.96 25.68 15.94
C VAL B 118 -11.29 26.71 15.04
N ALA B 119 -11.73 27.95 15.15
CA ALA B 119 -11.17 29.03 14.34
C ALA B 119 -9.69 29.25 14.63
N ARG B 120 -9.37 29.44 15.91
CA ARG B 120 -8.00 29.66 16.35
C ARG B 120 -7.10 28.43 16.24
N ALA B 121 -7.58 27.39 15.55
CA ALA B 121 -6.80 26.17 15.43
C ALA B 121 -6.40 25.84 13.99
N ASP B 122 -5.28 25.13 13.85
CA ASP B 122 -4.76 24.74 12.55
C ASP B 122 -5.39 23.40 12.15
N VAL B 123 -5.55 22.53 13.14
CA VAL B 123 -6.14 21.22 12.95
C VAL B 123 -6.94 20.85 14.18
N VAL B 124 -8.10 20.23 13.96
CA VAL B 124 -8.96 19.82 15.05
C VAL B 124 -9.04 18.30 15.10
N LEU B 125 -8.91 17.76 16.31
CA LEU B 125 -9.03 16.32 16.48
C LEU B 125 -10.29 16.06 17.28
N ASP B 126 -11.29 15.45 16.63
CA ASP B 126 -12.52 15.08 17.31
C ASP B 126 -12.20 13.75 18.01
N CYS B 127 -12.09 13.78 19.33
CA CYS B 127 -11.78 12.57 20.10
C CYS B 127 -12.90 12.27 21.09
N THR B 128 -14.05 12.87 20.82
CA THR B 128 -15.23 12.68 21.64
C THR B 128 -15.91 11.47 21.03
N ASP B 129 -16.53 10.65 21.87
CA ASP B 129 -17.24 9.52 21.32
C ASP B 129 -18.70 9.82 21.53
N ASN B 130 -19.21 10.72 20.69
CA ASN B 130 -20.58 11.16 20.73
C ASN B 130 -20.97 11.74 19.38
N MET B 131 -21.81 11.01 18.65
CA MET B 131 -22.27 11.41 17.31
C MET B 131 -22.77 12.85 17.18
N ALA B 132 -23.35 13.38 18.24
CA ALA B 132 -23.88 14.74 18.21
C ALA B 132 -22.77 15.77 18.20
N THR B 133 -21.83 15.63 19.13
CA THR B 133 -20.71 16.55 19.24
C THR B 133 -20.01 16.63 17.89
N ARG B 134 -19.69 15.47 17.32
CA ARG B 134 -19.02 15.38 16.03
C ARG B 134 -19.72 16.22 14.99
N GLN B 135 -21.00 15.94 14.79
CA GLN B 135 -21.79 16.67 13.83
C GLN B 135 -21.67 18.18 14.06
N GLU B 136 -21.52 18.61 15.31
CA GLU B 136 -21.39 20.03 15.59
C GLU B 136 -19.98 20.46 15.19
N ILE B 137 -19.00 19.70 15.65
CA ILE B 137 -17.60 19.95 15.36
C ILE B 137 -17.40 20.06 13.85
N ASN B 138 -17.93 19.09 13.12
CA ASN B 138 -17.84 19.07 11.67
C ASN B 138 -18.30 20.38 11.04
N ALA B 139 -19.45 20.87 11.51
CA ALA B 139 -20.03 22.11 10.99
C ALA B 139 -19.13 23.30 11.23
N ALA B 140 -18.50 23.32 12.40
CA ALA B 140 -17.59 24.40 12.76
C ALA B 140 -16.39 24.35 11.82
N CYS B 141 -15.83 23.15 11.65
CA CYS B 141 -14.67 22.96 10.79
C CYS B 141 -14.95 23.31 9.33
N VAL B 142 -16.09 22.89 8.80
CA VAL B 142 -16.38 23.21 7.41
C VAL B 142 -16.62 24.70 7.25
N ALA B 143 -17.30 25.28 8.22
CA ALA B 143 -17.61 26.70 8.20
C ALA B 143 -16.34 27.54 8.15
N LEU B 144 -15.43 27.27 9.08
CA LEU B 144 -14.18 27.99 9.19
C LEU B 144 -13.03 27.33 8.43
N ASN B 145 -13.38 26.57 7.40
CA ASN B 145 -12.40 25.87 6.57
C ASN B 145 -11.17 25.32 7.33
N THR B 146 -11.43 24.67 8.46
CA THR B 146 -10.37 24.11 9.29
C THR B 146 -10.41 22.58 9.24
N PRO B 147 -9.29 21.95 8.84
CA PRO B 147 -9.18 20.49 8.76
C PRO B 147 -9.62 19.77 10.02
N LEU B 148 -10.30 18.64 9.84
CA LEU B 148 -10.78 17.85 10.96
C LEU B 148 -10.38 16.39 10.83
N ILE B 149 -9.80 15.85 11.90
CA ILE B 149 -9.40 14.44 11.95
C ILE B 149 -10.31 13.82 13.01
N THR B 150 -11.23 12.97 12.58
CA THR B 150 -12.15 12.32 13.51
C THR B 150 -11.97 10.80 13.56
N ALA B 151 -12.23 10.20 14.72
CA ALA B 151 -12.10 8.76 14.89
C ALA B 151 -13.08 8.16 15.90
N SER B 152 -13.42 6.89 15.69
CA SER B 152 -14.32 6.15 16.58
C SER B 152 -13.56 4.92 17.04
N ALA B 153 -14.14 4.18 17.97
CA ALA B 153 -13.51 2.95 18.44
C ALA B 153 -14.44 2.26 19.41
N VAL B 154 -15.01 1.15 18.95
CA VAL B 154 -15.95 0.37 19.73
C VAL B 154 -15.60 -1.11 19.67
N GLY B 155 -15.50 -1.73 20.83
CA GLY B 155 -15.18 -3.15 20.87
C GLY B 155 -13.80 -3.38 20.32
N PHE B 156 -13.72 -4.13 19.23
CA PHE B 156 -12.46 -4.44 18.59
C PHE B 156 -12.29 -3.65 17.29
N GLY B 157 -13.25 -2.80 16.96
CA GLY B 157 -13.17 -2.04 15.73
C GLY B 157 -12.87 -0.56 15.90
N GLY B 158 -12.22 0.00 14.89
CA GLY B 158 -11.86 1.41 14.87
C GLY B 158 -12.30 2.09 13.59
N GLN B 159 -12.34 3.41 13.60
CA GLN B 159 -12.77 4.16 12.43
C GLN B 159 -12.01 5.47 12.39
N LEU B 160 -11.58 5.88 11.20
CA LEU B 160 -10.82 7.12 11.05
C LEU B 160 -11.08 7.85 9.74
N MET B 161 -11.13 9.18 9.82
CA MET B 161 -11.35 10.05 8.66
C MET B 161 -10.51 11.32 8.78
N VAL B 162 -10.10 11.83 7.63
CA VAL B 162 -9.34 13.08 7.54
C VAL B 162 -10.13 13.91 6.54
N LEU B 163 -10.76 14.99 7.02
CA LEU B 163 -11.55 15.84 6.14
C LEU B 163 -10.87 17.20 6.05
N THR B 164 -10.48 17.60 4.84
CA THR B 164 -9.77 18.87 4.67
C THR B 164 -10.41 19.91 3.76
N PRO B 165 -10.22 21.21 4.10
CA PRO B 165 -10.69 22.45 3.46
C PRO B 165 -11.24 22.42 2.05
N PRO B 166 -10.55 21.81 1.09
CA PRO B 166 -11.24 21.87 -0.21
C PRO B 166 -12.59 21.14 -0.15
N TRP B 167 -12.70 20.18 0.79
CA TRP B 167 -13.92 19.38 1.03
C TRP B 167 -14.42 18.61 -0.18
N GLU B 168 -13.47 18.25 -1.02
CA GLU B 168 -13.75 17.52 -2.24
C GLU B 168 -14.58 16.25 -2.12
N GLN B 169 -14.41 15.52 -1.03
CA GLN B 169 -15.17 14.28 -0.84
C GLN B 169 -16.18 14.46 0.28
N GLY B 170 -16.67 15.69 0.44
CA GLY B 170 -17.66 15.97 1.46
C GLY B 170 -17.13 15.99 2.88
N CYS B 171 -18.05 16.20 3.82
CA CYS B 171 -17.73 16.24 5.23
C CYS B 171 -18.47 15.12 5.95
N TYR B 172 -18.54 15.20 7.27
CA TYR B 172 -19.20 14.19 8.07
C TYR B 172 -20.71 14.19 7.82
N ARG B 173 -21.26 15.36 7.52
CA ARG B 173 -22.69 15.44 7.25
C ARG B 173 -23.04 14.72 5.96
N CYS B 174 -22.09 14.67 5.04
CA CYS B 174 -22.33 13.96 3.79
C CYS B 174 -22.38 12.46 4.03
N LEU B 175 -21.62 11.99 5.03
CA LEU B 175 -21.60 10.56 5.36
C LEU B 175 -22.85 10.21 6.17
N TRP B 176 -23.10 10.99 7.23
CA TRP B 176 -24.24 10.79 8.12
C TRP B 176 -25.16 12.00 8.13
N ALA B 189 -20.98 -0.78 23.38
CA ALA B 189 -20.49 -1.83 24.26
C ALA B 189 -19.16 -1.41 24.92
N GLY B 190 -18.28 -2.39 25.09
CA GLY B 190 -16.99 -2.13 25.71
C GLY B 190 -15.95 -1.72 24.68
N VAL B 191 -14.68 -1.84 25.03
CA VAL B 191 -13.59 -1.47 24.15
C VAL B 191 -12.27 -2.06 24.59
N VAL B 192 -11.48 -2.51 23.63
CA VAL B 192 -10.16 -3.05 23.93
C VAL B 192 -9.23 -1.83 23.95
N GLY B 193 -8.39 -1.72 24.99
CA GLY B 193 -7.49 -0.58 25.10
C GLY B 193 -6.74 -0.24 23.83
N PRO B 194 -5.87 -1.16 23.37
CA PRO B 194 -5.05 -1.03 22.17
C PRO B 194 -5.83 -0.60 20.93
N VAL B 195 -7.02 -1.11 20.75
CA VAL B 195 -7.79 -0.73 19.59
C VAL B 195 -8.11 0.76 19.59
N VAL B 196 -8.32 1.36 20.76
CA VAL B 196 -8.61 2.80 20.79
C VAL B 196 -7.30 3.54 20.63
N GLY B 197 -6.26 2.99 21.25
CA GLY B 197 -4.92 3.58 21.17
C GLY B 197 -4.44 3.74 19.74
N VAL B 198 -4.47 2.65 18.98
CA VAL B 198 -4.04 2.71 17.59
C VAL B 198 -4.76 3.87 16.92
N MET B 199 -6.07 3.93 17.09
CA MET B 199 -6.85 4.98 16.47
C MET B 199 -6.40 6.37 16.93
N GLY B 200 -6.09 6.48 18.22
CA GLY B 200 -5.70 7.77 18.77
C GLY B 200 -4.36 8.16 18.22
N THR B 201 -3.40 7.25 18.34
CA THR B 201 -2.05 7.48 17.84
C THR B 201 -2.11 7.83 16.36
N LEU B 202 -3.02 7.21 15.62
CA LEU B 202 -3.14 7.51 14.21
C LEU B 202 -3.66 8.93 13.96
N GLN B 203 -4.54 9.41 14.81
CA GLN B 203 -5.05 10.76 14.62
C GLN B 203 -3.87 11.70 14.73
N ALA B 204 -2.92 11.35 15.60
CA ALA B 204 -1.72 12.17 15.80
C ALA B 204 -0.81 12.14 14.57
N LEU B 205 -0.60 10.95 14.01
CA LEU B 205 0.24 10.81 12.83
C LEU B 205 -0.29 11.71 11.71
N GLU B 206 -1.61 11.71 11.52
CA GLU B 206 -2.21 12.54 10.48
C GLU B 206 -2.07 14.03 10.75
N ALA B 207 -2.18 14.43 12.01
CA ALA B 207 -2.06 15.84 12.40
C ALA B 207 -0.64 16.34 12.13
N ILE B 208 0.33 15.49 12.42
CA ILE B 208 1.72 15.84 12.20
C ILE B 208 1.96 15.95 10.69
N LYS B 209 1.55 14.92 9.95
CA LYS B 209 1.73 14.91 8.49
C LYS B 209 1.05 16.10 7.82
N LEU B 210 -0.08 16.53 8.37
CA LEU B 210 -0.84 17.65 7.82
C LEU B 210 -0.15 18.96 8.12
N LEU B 211 0.28 19.13 9.37
CA LEU B 211 0.95 20.36 9.79
C LEU B 211 2.33 20.54 9.19
N SER B 212 2.98 19.45 8.83
CA SER B 212 4.31 19.53 8.24
C SER B 212 4.26 19.44 6.71
N GLY B 213 3.05 19.41 6.16
CA GLY B 213 2.89 19.36 4.71
C GLY B 213 3.15 18.05 3.99
N ILE B 214 3.08 16.92 4.68
CA ILE B 214 3.31 15.64 4.01
C ILE B 214 2.04 15.21 3.26
N GLU B 215 2.20 14.84 1.99
CA GLU B 215 1.08 14.40 1.14
C GLU B 215 0.51 13.10 1.66
N THR B 216 -0.80 13.07 1.93
CA THR B 216 -1.43 11.86 2.44
C THR B 216 -2.87 11.73 1.98
N PRO B 217 -3.31 10.52 1.61
CA PRO B 217 -4.69 10.28 1.17
C PRO B 217 -5.64 10.78 2.24
N ALA B 218 -6.75 11.41 1.83
CA ALA B 218 -7.67 11.96 2.81
C ALA B 218 -9.14 11.70 2.56
N GLY B 219 -9.51 11.53 1.30
CA GLY B 219 -10.92 11.31 1.01
C GLY B 219 -11.51 9.96 1.34
N GLU B 220 -11.10 9.37 2.46
CA GLU B 220 -11.61 8.05 2.80
C GLU B 220 -11.77 7.69 4.27
N LEU B 221 -12.68 6.74 4.49
CA LEU B 221 -12.98 6.23 5.81
C LEU B 221 -12.17 4.97 6.08
N ARG B 222 -11.14 5.10 6.90
CA ARG B 222 -10.30 3.96 7.23
C ARG B 222 -10.90 3.21 8.42
N LEU B 223 -11.21 1.94 8.20
CA LEU B 223 -11.79 1.09 9.24
C LEU B 223 -10.77 0.06 9.68
N PHE B 224 -10.82 -0.29 10.95
CA PHE B 224 -9.89 -1.28 11.47
C PHE B 224 -10.64 -2.36 12.23
N ASP B 225 -10.23 -3.61 12.03
CA ASP B 225 -10.84 -4.71 12.74
C ASP B 225 -9.72 -5.38 13.48
N GLY B 226 -9.64 -5.08 14.78
CA GLY B 226 -8.60 -5.61 15.62
C GLY B 226 -8.70 -7.09 15.96
N LYS B 227 -9.80 -7.74 15.63
CA LYS B 227 -9.89 -9.16 15.95
C LYS B 227 -9.24 -9.93 14.81
N SER B 228 -9.66 -9.64 13.59
CA SER B 228 -9.10 -10.30 12.41
C SER B 228 -7.75 -9.69 12.07
N SER B 229 -7.53 -8.46 12.52
CA SER B 229 -6.29 -7.72 12.27
C SER B 229 -6.10 -7.32 10.83
N GLN B 230 -7.10 -6.63 10.29
CA GLN B 230 -7.03 -6.15 8.91
C GLN B 230 -7.79 -4.84 8.72
N TRP B 231 -7.32 -4.04 7.78
CA TRP B 231 -7.93 -2.75 7.50
C TRP B 231 -8.78 -2.76 6.24
N ARG B 232 -9.67 -1.79 6.15
CA ARG B 232 -10.60 -1.68 5.04
C ARG B 232 -10.72 -0.19 4.74
N SER B 233 -11.28 0.15 3.59
CA SER B 233 -11.46 1.55 3.25
C SER B 233 -12.71 1.74 2.45
N LEU B 234 -13.39 2.85 2.70
CA LEU B 234 -14.62 3.18 1.99
C LEU B 234 -14.43 4.53 1.32
N ALA B 235 -14.81 4.59 0.06
CA ALA B 235 -14.70 5.84 -0.67
C ALA B 235 -15.74 6.80 -0.10
N LEU B 236 -15.32 8.02 0.22
CA LEU B 236 -16.27 9.00 0.72
C LEU B 236 -16.68 9.84 -0.46
N ARG B 237 -17.88 10.39 -0.44
CA ARG B 237 -18.34 11.23 -1.54
C ARG B 237 -19.22 12.32 -0.96
N ARG B 238 -18.99 13.56 -1.39
CA ARG B 238 -19.79 14.66 -0.89
C ARG B 238 -21.22 14.50 -1.40
N ALA B 239 -22.18 14.82 -0.54
CA ALA B 239 -23.59 14.70 -0.87
C ALA B 239 -24.08 15.83 -1.77
N SER B 240 -24.69 15.45 -2.88
CA SER B 240 -25.24 16.43 -3.83
C SER B 240 -26.19 17.29 -3.01
N GLY B 241 -25.85 18.57 -2.85
CA GLY B 241 -26.70 19.44 -2.05
C GLY B 241 -26.64 18.96 -0.61
N CYS B 242 -25.81 19.61 0.18
CA CYS B 242 -25.63 19.25 1.58
C CYS B 242 -25.71 20.49 2.48
N PRO B 243 -26.24 20.33 3.70
CA PRO B 243 -26.40 21.40 4.69
C PRO B 243 -25.12 22.14 5.05
N VAL B 244 -23.98 21.67 4.55
CA VAL B 244 -22.71 22.33 4.85
C VAL B 244 -21.93 22.56 3.57
N CYS B 245 -21.14 21.58 3.16
CA CYS B 245 -20.38 21.75 1.92
C CYS B 245 -21.33 22.09 0.76
N GLY B 246 -21.46 23.39 0.46
CA GLY B 246 -22.34 23.86 -0.62
C GLY B 246 -21.69 24.74 -1.70
N MET C 3 -15.86 -22.11 -35.90
CA MET C 3 -14.41 -21.74 -36.03
C MET C 3 -13.64 -22.75 -36.88
N ASN C 4 -12.72 -22.24 -37.69
CA ASN C 4 -11.91 -23.08 -38.56
C ASN C 4 -10.60 -23.48 -37.88
N ASP C 5 -9.83 -24.36 -38.51
CA ASP C 5 -8.55 -24.81 -37.95
C ASP C 5 -7.62 -23.63 -37.67
N ARG C 6 -7.77 -22.57 -38.47
CA ARG C 6 -6.96 -21.37 -38.33
C ARG C 6 -7.33 -20.63 -37.05
N ASP C 7 -8.55 -20.09 -37.00
CA ASP C 7 -9.03 -19.38 -35.82
C ASP C 7 -8.66 -20.16 -34.58
N PHE C 8 -8.86 -21.46 -34.69
CA PHE C 8 -8.60 -22.41 -33.61
C PHE C 8 -7.18 -22.41 -33.06
N MET C 9 -6.20 -22.51 -33.96
CA MET C 9 -4.80 -22.55 -33.60
C MET C 9 -4.36 -21.21 -32.99
N ARG C 10 -4.93 -20.12 -33.50
CA ARG C 10 -4.64 -18.77 -33.02
C ARG C 10 -5.02 -18.57 -31.55
N TYR C 11 -6.29 -18.80 -31.24
CA TYR C 11 -6.84 -18.65 -29.90
C TYR C 11 -6.56 -19.87 -29.04
N SER C 12 -5.75 -20.78 -29.56
CA SER C 12 -5.48 -22.01 -28.84
C SER C 12 -5.07 -21.92 -27.37
N ARG C 13 -4.16 -21.01 -27.05
CA ARG C 13 -3.68 -20.90 -25.67
C ARG C 13 -4.69 -20.28 -24.72
N GLN C 14 -5.79 -19.83 -25.30
CA GLN C 14 -6.86 -19.22 -24.56
C GLN C 14 -7.97 -20.27 -24.38
N ILE C 15 -8.19 -21.07 -25.41
CA ILE C 15 -9.22 -22.10 -25.41
C ILE C 15 -8.88 -23.25 -24.46
N LEU C 16 -7.60 -23.49 -24.28
CA LEU C 16 -7.14 -24.55 -23.39
C LEU C 16 -7.38 -24.17 -21.96
N LEU C 17 -8.10 -23.08 -21.74
CA LEU C 17 -8.40 -22.62 -20.40
C LEU C 17 -9.79 -23.02 -19.95
N ASP C 18 -9.83 -23.78 -18.87
CA ASP C 18 -11.08 -24.27 -18.29
C ASP C 18 -12.17 -23.21 -18.22
N ASP C 19 -11.80 -21.99 -17.83
CA ASP C 19 -12.75 -20.91 -17.69
C ASP C 19 -13.27 -20.33 -19.01
N ILE C 20 -12.59 -20.60 -20.11
CA ILE C 20 -13.01 -20.10 -21.40
C ILE C 20 -13.48 -21.22 -22.30
N ALA C 21 -12.62 -22.20 -22.51
CA ALA C 21 -12.97 -23.34 -23.35
C ALA C 21 -13.36 -22.83 -24.73
N LEU C 22 -13.91 -23.72 -25.56
CA LEU C 22 -14.32 -23.33 -26.90
C LEU C 22 -15.60 -22.50 -26.83
N ASP C 23 -16.39 -22.73 -25.78
CA ASP C 23 -17.64 -22.00 -25.59
C ASP C 23 -17.34 -20.53 -25.29
N GLY C 24 -16.43 -20.29 -24.36
CA GLY C 24 -16.05 -18.94 -24.00
C GLY C 24 -15.49 -18.25 -25.23
N GLN C 25 -14.58 -18.95 -25.91
CA GLN C 25 -13.97 -18.41 -27.11
C GLN C 25 -15.03 -17.99 -28.13
N GLN C 26 -16.18 -18.64 -28.10
CA GLN C 26 -17.26 -18.31 -29.04
C GLN C 26 -17.89 -17.00 -28.62
N LYS C 27 -18.27 -16.90 -27.35
CA LYS C 27 -18.90 -15.70 -26.81
C LYS C 27 -18.11 -14.47 -27.22
N LEU C 28 -16.79 -14.57 -27.07
CA LEU C 28 -15.90 -13.48 -27.43
C LEU C 28 -16.14 -13.09 -28.88
N LEU C 29 -16.05 -14.08 -29.77
CA LEU C 29 -16.25 -13.85 -31.20
C LEU C 29 -17.64 -13.30 -31.52
N ASP C 30 -18.59 -13.49 -30.61
CA ASP C 30 -19.94 -13.01 -30.84
C ASP C 30 -20.24 -11.72 -30.10
N SER C 31 -19.25 -11.20 -29.38
CA SER C 31 -19.41 -9.98 -28.62
C SER C 31 -18.90 -8.74 -29.34
N GLN C 32 -19.33 -7.58 -28.86
CA GLN C 32 -18.91 -6.31 -29.42
C GLN C 32 -18.48 -5.40 -28.25
N VAL C 33 -17.25 -4.90 -28.33
CA VAL C 33 -16.70 -4.03 -27.30
C VAL C 33 -16.43 -2.62 -27.82
N LEU C 34 -16.85 -1.62 -27.05
CA LEU C 34 -16.63 -0.24 -27.44
C LEU C 34 -15.45 0.31 -26.61
N ILE C 35 -14.43 0.81 -27.31
CA ILE C 35 -13.25 1.38 -26.65
C ILE C 35 -13.25 2.87 -27.00
N ILE C 36 -13.69 3.69 -26.05
CA ILE C 36 -13.72 5.14 -26.26
C ILE C 36 -12.39 5.69 -25.78
N GLY C 37 -11.61 6.26 -26.70
CA GLY C 37 -10.31 6.79 -26.34
C GLY C 37 -9.20 5.80 -26.71
N LEU C 38 -8.29 6.21 -27.59
CA LEU C 38 -7.20 5.34 -27.98
C LEU C 38 -5.84 5.86 -27.52
N GLY C 39 -5.77 6.21 -26.23
CA GLY C 39 -4.54 6.71 -25.65
C GLY C 39 -3.71 5.64 -24.96
N GLY C 40 -3.13 6.00 -23.82
CA GLY C 40 -2.30 5.07 -23.05
C GLY C 40 -3.07 3.91 -22.48
N LEU C 41 -4.38 4.09 -22.31
CA LEU C 41 -5.26 3.04 -21.78
C LEU C 41 -5.88 2.21 -22.91
N GLY C 42 -6.57 2.88 -23.82
CA GLY C 42 -7.22 2.19 -24.92
C GLY C 42 -6.32 1.38 -25.81
N THR C 43 -5.10 1.84 -25.99
CA THR C 43 -4.15 1.14 -26.86
C THR C 43 -3.81 -0.29 -26.42
N PRO C 44 -3.34 -0.47 -25.17
CA PRO C 44 -3.01 -1.84 -24.72
C PRO C 44 -4.26 -2.71 -24.63
N ALA C 45 -5.41 -2.08 -24.43
CA ALA C 45 -6.67 -2.81 -24.33
C ALA C 45 -7.08 -3.30 -25.69
N ALA C 46 -7.25 -2.37 -26.62
CA ALA C 46 -7.64 -2.68 -27.98
C ALA C 46 -6.73 -3.74 -28.57
N LEU C 47 -5.48 -3.74 -28.13
CA LEU C 47 -4.51 -4.71 -28.61
C LEU C 47 -4.90 -6.08 -28.09
N TYR C 48 -4.87 -6.23 -26.76
CA TYR C 48 -5.19 -7.50 -26.10
C TYR C 48 -6.59 -8.06 -26.39
N LEU C 49 -7.57 -7.17 -26.55
CA LEU C 49 -8.93 -7.64 -26.85
C LEU C 49 -8.92 -8.23 -28.25
N ALA C 50 -8.25 -7.54 -29.17
CA ALA C 50 -8.15 -8.01 -30.54
C ALA C 50 -7.45 -9.36 -30.54
N GLY C 51 -6.33 -9.45 -29.83
CA GLY C 51 -5.57 -10.69 -29.75
C GLY C 51 -6.31 -11.85 -29.13
N ALA C 52 -7.32 -11.54 -28.31
CA ALA C 52 -8.12 -12.57 -27.65
C ALA C 52 -9.24 -13.04 -28.57
N GLY C 53 -9.56 -12.24 -29.56
CA GLY C 53 -10.60 -12.60 -30.50
C GLY C 53 -11.98 -12.04 -30.22
N VAL C 54 -12.08 -10.80 -29.77
CA VAL C 54 -13.41 -10.23 -29.54
C VAL C 54 -14.00 -9.96 -30.92
N GLY C 55 -15.20 -10.45 -31.16
CA GLY C 55 -15.86 -10.27 -32.44
C GLY C 55 -15.75 -8.91 -33.09
N THR C 56 -16.27 -7.89 -32.42
CA THR C 56 -16.22 -6.54 -32.97
C THR C 56 -15.72 -5.52 -31.95
N LEU C 57 -14.77 -4.69 -32.39
CA LEU C 57 -14.19 -3.66 -31.55
C LEU C 57 -14.47 -2.30 -32.18
N VAL C 58 -15.19 -1.43 -31.48
CA VAL C 58 -15.45 -0.10 -32.03
C VAL C 58 -14.42 0.86 -31.45
N LEU C 59 -13.36 1.12 -32.21
CA LEU C 59 -12.28 2.00 -31.81
C LEU C 59 -12.56 3.48 -32.10
N ALA C 60 -12.90 4.25 -31.04
CA ALA C 60 -13.20 5.68 -31.19
C ALA C 60 -12.14 6.63 -30.65
N ASP C 61 -11.95 7.75 -31.35
CA ASP C 61 -10.99 8.78 -30.97
C ASP C 61 -10.88 9.78 -32.14
N ASP C 62 -11.04 11.07 -31.81
CA ASP C 62 -10.99 12.14 -32.79
C ASP C 62 -9.63 12.84 -32.91
N ASP C 63 -8.61 12.33 -32.22
CA ASP C 63 -7.30 12.94 -32.26
C ASP C 63 -6.30 12.26 -33.21
N ASP C 64 -5.10 12.84 -33.32
CA ASP C 64 -4.05 12.31 -34.18
C ASP C 64 -2.82 11.88 -33.38
N VAL C 65 -2.07 10.93 -33.91
CA VAL C 65 -0.88 10.45 -33.22
C VAL C 65 0.14 11.58 -33.12
N HIS C 66 0.60 11.85 -31.91
CA HIS C 66 1.60 12.90 -31.67
C HIS C 66 2.85 12.26 -31.11
N LEU C 67 3.98 12.95 -31.23
CA LEU C 67 5.25 12.41 -30.73
C LEU C 67 5.26 12.09 -29.24
N SER C 68 4.65 12.96 -28.44
CA SER C 68 4.63 12.77 -26.99
C SER C 68 3.85 11.51 -26.60
N ASN C 69 3.05 10.99 -27.53
CA ASN C 69 2.24 9.79 -27.28
C ASN C 69 3.07 8.51 -27.22
N LEU C 70 4.09 8.44 -28.05
CA LEU C 70 4.92 7.24 -28.14
C LEU C 70 5.62 6.65 -26.92
N GLN C 71 5.56 7.25 -25.75
CA GLN C 71 6.23 6.60 -24.62
C GLN C 71 5.29 5.73 -23.80
N ARG C 72 4.04 5.66 -24.25
CA ARG C 72 3.05 4.87 -23.55
C ARG C 72 1.94 4.35 -24.48
N GLN C 73 1.84 4.90 -25.68
CA GLN C 73 0.81 4.45 -26.60
C GLN C 73 1.42 3.50 -27.63
N ILE C 74 1.82 2.34 -27.10
CA ILE C 74 2.48 1.26 -27.84
C ILE C 74 1.85 0.70 -29.12
N LEU C 75 0.66 1.16 -29.49
CA LEU C 75 0.05 0.67 -30.72
C LEU C 75 0.40 1.56 -31.91
N PHE C 76 1.24 2.58 -31.67
CA PHE C 76 1.63 3.52 -32.72
C PHE C 76 3.14 3.55 -32.96
N THR C 77 3.52 4.19 -34.06
CA THR C 77 4.92 4.31 -34.45
C THR C 77 5.29 5.76 -34.76
N THR C 78 6.59 6.05 -34.78
CA THR C 78 7.04 7.40 -35.11
C THR C 78 6.48 7.80 -36.47
N GLU C 79 6.30 6.80 -37.33
CA GLU C 79 5.79 7.01 -38.68
C GLU C 79 4.30 7.36 -38.70
N ASP C 80 3.60 7.00 -37.62
CA ASP C 80 2.15 7.25 -37.53
C ASP C 80 1.83 8.69 -37.15
N ILE C 81 2.82 9.40 -36.64
CA ILE C 81 2.62 10.77 -36.22
C ILE C 81 1.85 11.57 -37.26
N ASP C 82 0.97 12.45 -36.78
CA ASP C 82 0.12 13.30 -37.62
C ASP C 82 -1.06 12.60 -38.26
N ARG C 83 -1.14 11.28 -38.14
CA ARG C 83 -2.26 10.54 -38.69
C ARG C 83 -3.30 10.34 -37.59
N PRO C 84 -4.59 10.28 -37.95
CA PRO C 84 -5.63 10.11 -36.93
C PRO C 84 -5.48 8.77 -36.21
N LYS C 85 -5.70 8.78 -34.90
CA LYS C 85 -5.57 7.58 -34.08
C LYS C 85 -6.53 6.47 -34.43
N SER C 86 -7.81 6.81 -34.56
CA SER C 86 -8.81 5.81 -34.89
C SER C 86 -8.41 5.06 -36.14
N GLN C 87 -7.99 5.81 -37.15
CA GLN C 87 -7.58 5.18 -38.40
C GLN C 87 -6.32 4.27 -38.20
N VAL C 88 -5.24 4.80 -37.62
CA VAL C 88 -4.01 4.02 -37.39
C VAL C 88 -4.27 2.78 -36.55
N SER C 89 -5.10 2.93 -35.51
CA SER C 89 -5.42 1.82 -34.62
C SER C 89 -6.08 0.68 -35.36
N GLN C 90 -7.27 0.94 -35.89
CA GLN C 90 -8.05 -0.05 -36.63
C GLN C 90 -7.23 -0.71 -37.72
N GLN C 91 -6.17 -0.03 -38.12
CA GLN C 91 -5.30 -0.49 -39.19
C GLN C 91 -4.18 -1.39 -38.67
N ARG C 92 -3.47 -0.94 -37.64
CA ARG C 92 -2.37 -1.72 -37.06
C ARG C 92 -2.93 -2.99 -36.42
N LEU C 93 -4.13 -2.90 -35.88
CA LEU C 93 -4.79 -4.03 -35.23
C LEU C 93 -5.09 -5.14 -36.22
N THR C 94 -5.69 -4.79 -37.34
CA THR C 94 -6.01 -5.78 -38.36
C THR C 94 -4.81 -6.69 -38.68
N GLN C 95 -3.61 -6.12 -38.66
CA GLN C 95 -2.39 -6.89 -38.94
C GLN C 95 -2.16 -7.97 -37.89
N LEU C 96 -2.83 -7.82 -36.76
CA LEU C 96 -2.69 -8.76 -35.66
C LEU C 96 -3.73 -9.87 -35.81
N ASN C 97 -4.96 -9.46 -36.06
CA ASN C 97 -6.08 -10.38 -36.23
C ASN C 97 -6.97 -9.87 -37.36
N PRO C 98 -6.81 -10.44 -38.57
CA PRO C 98 -7.64 -9.99 -39.69
C PRO C 98 -9.02 -10.65 -39.65
N ASP C 99 -9.13 -11.72 -38.86
CA ASP C 99 -10.37 -12.47 -38.73
C ASP C 99 -11.37 -11.84 -37.74
N ILE C 100 -11.29 -10.53 -37.55
CA ILE C 100 -12.17 -9.82 -36.62
C ILE C 100 -12.49 -8.46 -37.20
N GLN C 101 -13.71 -7.98 -36.97
CA GLN C 101 -14.08 -6.67 -37.48
C GLN C 101 -13.56 -5.55 -36.58
N LEU C 102 -12.99 -4.52 -37.20
CA LEU C 102 -12.44 -3.40 -36.47
C LEU C 102 -13.03 -2.10 -37.01
N THR C 103 -14.07 -1.62 -36.33
CA THR C 103 -14.74 -0.39 -36.73
C THR C 103 -14.00 0.84 -36.22
N ALA C 104 -13.58 1.70 -37.15
CA ALA C 104 -12.87 2.93 -36.81
C ALA C 104 -13.89 4.04 -36.65
N LEU C 105 -13.92 4.66 -35.47
CA LEU C 105 -14.86 5.73 -35.22
C LEU C 105 -14.08 6.99 -34.87
N GLN C 106 -13.59 7.66 -35.90
CA GLN C 106 -12.81 8.87 -35.74
C GLN C 106 -13.63 10.06 -35.26
N GLN C 107 -14.33 9.87 -34.15
CA GLN C 107 -15.15 10.92 -33.57
C GLN C 107 -14.92 11.05 -32.07
N ARG C 108 -15.33 12.19 -31.52
CA ARG C 108 -15.23 12.40 -30.09
C ARG C 108 -16.65 12.10 -29.65
N LEU C 109 -16.95 10.82 -29.44
CA LEU C 109 -18.29 10.39 -29.05
C LEU C 109 -18.95 11.31 -28.03
N THR C 110 -20.20 11.68 -28.31
CA THR C 110 -20.97 12.55 -27.42
C THR C 110 -22.47 12.34 -27.58
N GLY C 111 -23.20 12.60 -26.50
CA GLY C 111 -24.64 12.47 -26.49
C GLY C 111 -25.24 11.40 -27.40
N GLU C 112 -26.03 11.85 -28.36
CA GLU C 112 -26.69 10.95 -29.30
C GLU C 112 -25.73 9.96 -29.94
N ALA C 113 -24.78 10.46 -30.72
CA ALA C 113 -23.80 9.59 -31.38
C ALA C 113 -23.27 8.54 -30.39
N LEU C 114 -23.00 8.99 -29.16
CA LEU C 114 -22.48 8.11 -28.11
C LEU C 114 -23.51 7.08 -27.68
N LYS C 115 -24.69 7.53 -27.27
CA LYS C 115 -25.74 6.62 -26.83
C LYS C 115 -25.87 5.46 -27.79
N ASP C 116 -25.76 5.76 -29.09
CA ASP C 116 -25.86 4.73 -30.13
C ASP C 116 -24.84 3.62 -29.95
N ALA C 117 -23.58 3.94 -30.20
CA ALA C 117 -22.48 3.00 -30.08
C ALA C 117 -22.50 2.25 -28.75
N VAL C 118 -22.91 2.95 -27.69
CA VAL C 118 -22.99 2.34 -26.37
C VAL C 118 -23.91 1.14 -26.41
N ALA C 119 -25.22 1.41 -26.46
CA ALA C 119 -26.22 0.35 -26.49
C ALA C 119 -25.86 -0.76 -27.45
N ARG C 120 -25.39 -0.38 -28.63
CA ARG C 120 -25.01 -1.34 -29.68
C ARG C 120 -23.77 -2.16 -29.31
N ALA C 121 -23.39 -2.10 -28.03
CA ALA C 121 -22.22 -2.84 -27.58
C ALA C 121 -22.52 -3.60 -26.29
N ASP C 122 -21.84 -4.73 -26.09
CA ASP C 122 -22.04 -5.55 -24.90
C ASP C 122 -21.32 -4.96 -23.69
N VAL C 123 -20.14 -4.40 -23.94
CA VAL C 123 -19.33 -3.78 -22.90
C VAL C 123 -18.71 -2.50 -23.41
N VAL C 124 -18.63 -1.50 -22.54
CA VAL C 124 -18.02 -0.23 -22.92
C VAL C 124 -16.80 0.03 -22.08
N LEU C 125 -15.71 0.44 -22.74
CA LEU C 125 -14.49 0.74 -22.03
C LEU C 125 -14.19 2.23 -22.10
N ASP C 126 -14.18 2.86 -20.94
CA ASP C 126 -13.86 4.28 -20.85
C ASP C 126 -12.34 4.34 -20.78
N CYS C 127 -11.74 4.98 -21.78
CA CYS C 127 -10.29 5.11 -21.85
C CYS C 127 -9.97 6.52 -22.29
N THR C 128 -10.80 7.46 -21.83
CA THR C 128 -10.68 8.86 -22.20
C THR C 128 -10.31 9.78 -21.05
N ASP C 129 -9.39 9.38 -20.18
CA ASP C 129 -8.99 10.20 -19.04
C ASP C 129 -9.58 11.62 -19.04
N ASN C 130 -10.87 11.73 -18.76
CA ASN C 130 -11.55 13.02 -18.77
C ASN C 130 -12.85 12.88 -17.99
N MET C 131 -12.91 13.52 -16.82
CA MET C 131 -14.11 13.43 -15.99
C MET C 131 -15.39 13.78 -16.74
N ALA C 132 -15.30 14.68 -17.71
CA ALA C 132 -16.47 15.09 -18.48
C ALA C 132 -17.03 13.91 -19.25
N THR C 133 -16.24 13.41 -20.20
CA THR C 133 -16.62 12.28 -21.02
C THR C 133 -16.98 11.08 -20.14
N ARG C 134 -16.17 10.84 -19.12
CA ARG C 134 -16.42 9.73 -18.22
C ARG C 134 -17.82 9.85 -17.63
N GLN C 135 -18.24 11.06 -17.29
CA GLN C 135 -19.56 11.26 -16.72
C GLN C 135 -20.67 11.02 -17.73
N GLU C 136 -20.44 11.45 -18.97
CA GLU C 136 -21.41 11.29 -20.05
C GLU C 136 -21.48 9.82 -20.46
N ILE C 137 -20.36 9.11 -20.33
CA ILE C 137 -20.30 7.69 -20.65
C ILE C 137 -21.08 6.96 -19.57
N ASN C 138 -20.77 7.29 -18.33
CA ASN C 138 -21.42 6.69 -17.16
C ASN C 138 -22.93 6.78 -17.25
N ALA C 139 -23.44 7.93 -17.63
CA ALA C 139 -24.88 8.16 -17.77
C ALA C 139 -25.43 7.24 -18.85
N ALA C 140 -24.90 7.39 -20.06
CA ALA C 140 -25.32 6.58 -21.19
C ALA C 140 -25.28 5.09 -20.85
N CYS C 141 -24.18 4.64 -20.26
CA CYS C 141 -24.03 3.23 -19.90
C CYS C 141 -25.09 2.73 -18.91
N VAL C 142 -25.49 3.58 -17.98
CA VAL C 142 -26.49 3.18 -17.00
C VAL C 142 -27.86 3.17 -17.65
N ALA C 143 -28.10 4.18 -18.48
CA ALA C 143 -29.36 4.32 -19.19
C ALA C 143 -29.71 3.13 -20.08
N LEU C 144 -28.70 2.49 -20.66
CA LEU C 144 -28.91 1.35 -21.56
C LEU C 144 -28.32 0.08 -20.95
N ASN C 145 -28.47 -0.07 -19.65
CA ASN C 145 -27.95 -1.21 -18.91
C ASN C 145 -26.85 -2.04 -19.57
N THR C 146 -25.85 -1.35 -20.12
CA THR C 146 -24.70 -2.00 -20.74
C THR C 146 -23.52 -1.69 -19.79
N PRO C 147 -22.78 -2.73 -19.38
CA PRO C 147 -21.64 -2.56 -18.47
C PRO C 147 -20.62 -1.51 -18.89
N LEU C 148 -19.80 -1.10 -17.94
CA LEU C 148 -18.77 -0.09 -18.17
C LEU C 148 -17.52 -0.37 -17.36
N ILE C 149 -16.39 -0.46 -18.05
CA ILE C 149 -15.10 -0.65 -17.39
C ILE C 149 -14.36 0.66 -17.59
N THR C 150 -14.19 1.42 -16.51
CA THR C 150 -13.51 2.70 -16.58
C THR C 150 -12.19 2.69 -15.80
N ALA C 151 -11.23 3.47 -16.29
CA ALA C 151 -9.92 3.53 -15.66
C ALA C 151 -9.31 4.90 -15.79
N SER C 152 -8.20 5.10 -15.08
CA SER C 152 -7.50 6.37 -15.06
C SER C 152 -6.08 6.17 -14.55
N ALA C 153 -5.15 6.97 -15.05
CA ALA C 153 -3.77 6.88 -14.62
C ALA C 153 -3.13 8.26 -14.71
N VAL C 154 -2.34 8.59 -13.71
CA VAL C 154 -1.66 9.87 -13.65
C VAL C 154 -0.45 9.73 -12.75
N GLY C 155 0.69 10.18 -13.24
CA GLY C 155 1.90 10.05 -12.46
C GLY C 155 2.23 8.58 -12.39
N PHE C 156 2.33 8.06 -11.16
CA PHE C 156 2.62 6.66 -10.95
C PHE C 156 1.37 5.94 -10.47
N GLY C 157 0.23 6.63 -10.49
CA GLY C 157 -0.99 6.01 -9.98
C GLY C 157 -2.11 5.73 -10.94
N GLY C 158 -2.75 4.57 -10.75
CA GLY C 158 -3.86 4.15 -11.59
C GLY C 158 -5.09 3.69 -10.83
N GLN C 159 -6.22 3.68 -11.52
CA GLN C 159 -7.48 3.27 -10.93
C GLN C 159 -8.28 2.48 -11.94
N LEU C 160 -9.10 1.56 -11.42
CA LEU C 160 -9.93 0.72 -12.25
C LEU C 160 -11.26 0.48 -11.57
N MET C 161 -12.33 0.52 -12.35
CA MET C 161 -13.67 0.30 -11.85
C MET C 161 -14.50 -0.51 -12.85
N VAL C 162 -15.24 -1.49 -12.34
CA VAL C 162 -16.10 -2.32 -13.19
C VAL C 162 -17.54 -2.17 -12.70
N LEU C 163 -18.37 -1.54 -13.51
CA LEU C 163 -19.76 -1.31 -13.14
C LEU C 163 -20.71 -2.18 -13.97
N THR C 164 -21.30 -3.18 -13.31
CA THR C 164 -22.23 -4.12 -13.95
C THR C 164 -23.65 -3.57 -14.03
N PRO C 165 -24.42 -4.03 -15.04
CA PRO C 165 -25.81 -3.64 -15.31
C PRO C 165 -26.71 -3.33 -14.11
N PRO C 166 -26.90 -4.29 -13.20
CA PRO C 166 -27.76 -4.06 -12.02
C PRO C 166 -27.48 -2.79 -11.22
N TRP C 167 -26.27 -2.25 -11.38
CA TRP C 167 -25.86 -1.04 -10.66
C TRP C 167 -25.98 -1.30 -9.17
N GLU C 168 -25.64 -2.53 -8.79
CA GLU C 168 -25.68 -2.98 -7.41
C GLU C 168 -24.93 -2.05 -6.47
N GLN C 169 -23.66 -1.81 -6.78
CA GLN C 169 -22.80 -0.97 -5.95
C GLN C 169 -22.87 0.50 -6.35
N GLY C 170 -23.79 0.84 -7.24
CA GLY C 170 -23.93 2.21 -7.68
C GLY C 170 -23.21 2.45 -9.00
N CYS C 171 -23.26 3.68 -9.49
CA CYS C 171 -22.59 4.01 -10.73
C CYS C 171 -21.44 4.97 -10.45
N TYR C 172 -20.85 5.53 -11.50
CA TYR C 172 -19.75 6.45 -11.32
C TYR C 172 -20.19 7.77 -10.67
N ARG C 173 -21.36 8.29 -11.05
CA ARG C 173 -21.86 9.54 -10.47
C ARG C 173 -22.13 9.36 -8.98
N CYS C 174 -22.22 8.11 -8.53
CA CYS C 174 -22.44 7.84 -7.12
C CYS C 174 -21.14 8.22 -6.42
N LEU C 175 -20.03 7.85 -7.04
CA LEU C 175 -18.70 8.10 -6.49
C LEU C 175 -18.17 9.53 -6.64
N TRP C 176 -18.56 10.20 -7.73
CA TRP C 176 -18.07 11.56 -7.95
C TRP C 176 -19.18 12.46 -8.50
N PRO C 177 -19.75 13.30 -7.64
CA PRO C 177 -20.83 14.23 -8.00
C PRO C 177 -20.44 15.22 -9.09
N ASP C 178 -19.46 16.05 -8.79
CA ASP C 178 -18.99 17.07 -9.72
C ASP C 178 -18.71 16.53 -11.12
N ASN C 179 -18.39 17.45 -12.03
CA ASN C 179 -18.12 17.12 -13.41
C ASN C 179 -16.69 17.51 -13.75
N GLN C 180 -15.97 18.06 -12.78
CA GLN C 180 -14.59 18.49 -12.96
C GLN C 180 -13.57 17.56 -12.31
N GLU C 181 -12.31 17.72 -12.71
CA GLU C 181 -11.23 16.88 -12.20
C GLU C 181 -10.90 17.15 -10.73
N PRO C 182 -10.47 16.11 -10.00
CA PRO C 182 -10.12 16.21 -8.59
C PRO C 182 -8.79 16.92 -8.39
N GLU C 183 -8.41 17.11 -7.13
CA GLU C 183 -7.18 17.79 -6.77
C GLU C 183 -5.88 17.18 -7.31
N ARG C 184 -5.96 16.38 -8.38
CA ARG C 184 -4.76 15.79 -8.95
C ARG C 184 -4.35 16.62 -10.17
N ASN C 185 -4.65 17.91 -10.12
CA ASN C 185 -4.31 18.83 -11.20
C ASN C 185 -2.81 19.01 -11.25
N CYS C 186 -2.24 19.37 -10.10
CA CYS C 186 -0.79 19.56 -10.00
C CYS C 186 -0.11 18.29 -10.45
N ARG C 187 -0.74 17.15 -10.14
CA ARG C 187 -0.19 15.83 -10.50
C ARG C 187 0.37 15.89 -11.92
N THR C 188 1.68 16.07 -11.95
CA THR C 188 2.43 16.17 -13.19
C THR C 188 1.62 15.74 -14.39
N ALA C 189 1.62 16.57 -15.43
CA ALA C 189 0.89 16.24 -16.64
C ALA C 189 1.53 14.95 -17.17
N GLY C 190 2.51 14.47 -16.41
CA GLY C 190 3.22 13.25 -16.77
C GLY C 190 2.58 11.94 -16.31
N VAL C 191 3.04 10.86 -16.92
CA VAL C 191 2.55 9.52 -16.60
C VAL C 191 3.64 8.54 -16.94
N VAL C 192 3.79 7.54 -16.09
CA VAL C 192 4.75 6.50 -16.35
C VAL C 192 4.02 5.60 -17.35
N GLY C 193 4.73 5.15 -18.39
CA GLY C 193 4.11 4.30 -19.40
C GLY C 193 3.51 3.03 -18.84
N PRO C 194 4.31 2.20 -18.16
CA PRO C 194 3.83 0.95 -17.59
C PRO C 194 2.65 1.11 -16.64
N VAL C 195 2.58 2.24 -15.93
CA VAL C 195 1.46 2.43 -15.03
C VAL C 195 0.16 2.57 -15.82
N VAL C 196 0.18 3.29 -16.94
CA VAL C 196 -1.05 3.42 -17.72
C VAL C 196 -1.34 2.10 -18.43
N GLY C 197 -0.28 1.44 -18.88
CA GLY C 197 -0.43 0.17 -19.58
C GLY C 197 -1.09 -0.87 -18.70
N VAL C 198 -0.49 -1.12 -17.54
CA VAL C 198 -1.05 -2.08 -16.59
C VAL C 198 -2.56 -1.87 -16.43
N MET C 199 -2.97 -0.61 -16.38
CA MET C 199 -4.36 -0.25 -16.22
C MET C 199 -5.20 -0.61 -17.45
N GLY C 200 -4.80 -0.11 -18.61
CA GLY C 200 -5.55 -0.41 -19.81
C GLY C 200 -5.58 -1.91 -20.05
N THR C 201 -4.49 -2.58 -19.72
CA THR C 201 -4.41 -4.02 -19.89
C THR C 201 -5.48 -4.66 -19.02
N LEU C 202 -5.49 -4.28 -17.74
CA LEU C 202 -6.47 -4.81 -16.83
C LEU C 202 -7.88 -4.55 -17.34
N GLN C 203 -8.08 -3.45 -18.06
CA GLN C 203 -9.42 -3.17 -18.58
C GLN C 203 -9.85 -4.24 -19.59
N ALA C 204 -8.86 -4.82 -20.26
CA ALA C 204 -9.11 -5.86 -21.25
C ALA C 204 -9.36 -7.16 -20.51
N LEU C 205 -8.59 -7.41 -19.46
CA LEU C 205 -8.74 -8.61 -18.67
C LEU C 205 -10.14 -8.70 -18.07
N GLU C 206 -10.63 -7.59 -17.52
CA GLU C 206 -11.95 -7.58 -16.92
C GLU C 206 -13.02 -7.69 -17.99
N ALA C 207 -12.73 -7.20 -19.19
CA ALA C 207 -13.69 -7.27 -20.30
C ALA C 207 -13.82 -8.70 -20.81
N ILE C 208 -12.69 -9.42 -20.82
CA ILE C 208 -12.69 -10.82 -21.27
C ILE C 208 -13.57 -11.63 -20.32
N LYS C 209 -13.38 -11.43 -19.01
CA LYS C 209 -14.17 -12.15 -18.01
C LYS C 209 -15.63 -11.72 -18.03
N LEU C 210 -15.88 -10.48 -18.39
CA LEU C 210 -17.24 -9.97 -18.43
C LEU C 210 -18.01 -10.43 -19.66
N LEU C 211 -17.31 -11.04 -20.62
CA LEU C 211 -17.98 -11.49 -21.84
C LEU C 211 -18.04 -13.00 -21.88
N SER C 212 -17.05 -13.67 -21.29
CA SER C 212 -17.02 -15.12 -21.28
C SER C 212 -17.74 -15.58 -20.02
N GLY C 213 -18.46 -14.65 -19.39
CA GLY C 213 -19.19 -14.95 -18.17
C GLY C 213 -18.38 -15.55 -17.03
N ILE C 214 -17.20 -15.02 -16.76
CA ILE C 214 -16.36 -15.53 -15.66
C ILE C 214 -16.72 -14.86 -14.33
N GLU C 215 -16.63 -15.61 -13.25
CA GLU C 215 -16.95 -15.12 -11.92
C GLU C 215 -15.85 -14.19 -11.40
N THR C 216 -16.09 -12.89 -11.49
CA THR C 216 -15.11 -11.91 -11.03
C THR C 216 -15.75 -10.77 -10.27
N PRO C 217 -15.04 -10.20 -9.28
CA PRO C 217 -15.58 -9.09 -8.50
C PRO C 217 -15.88 -7.88 -9.39
N ALA C 218 -16.64 -6.94 -8.82
CA ALA C 218 -17.00 -5.69 -9.50
C ALA C 218 -17.51 -4.80 -8.38
N GLY C 219 -17.92 -3.58 -8.72
CA GLY C 219 -18.41 -2.67 -7.69
C GLY C 219 -17.34 -2.26 -6.69
N GLU C 220 -16.09 -2.34 -7.14
CA GLU C 220 -14.96 -1.96 -6.32
C GLU C 220 -14.13 -0.93 -7.06
N LEU C 221 -13.34 -0.19 -6.30
CA LEU C 221 -12.46 0.79 -6.88
C LEU C 221 -11.05 0.29 -6.59
N ARG C 222 -10.39 -0.21 -7.63
CA ARG C 222 -9.03 -0.72 -7.46
C ARG C 222 -8.01 0.37 -7.79
N LEU C 223 -7.06 0.56 -6.85
CA LEU C 223 -6.01 1.55 -7.00
C LEU C 223 -4.64 0.91 -7.04
N PHE C 224 -3.78 1.50 -7.86
CA PHE C 224 -2.43 0.99 -7.99
C PHE C 224 -1.45 2.12 -7.73
N ASP C 225 -0.40 1.81 -6.99
CA ASP C 225 0.61 2.79 -6.72
C ASP C 225 1.88 2.26 -7.38
N GLY C 226 2.15 2.78 -8.57
CA GLY C 226 3.32 2.38 -9.34
C GLY C 226 4.63 2.70 -8.64
N LYS C 227 4.61 3.68 -7.73
CA LYS C 227 5.82 4.04 -7.03
C LYS C 227 6.19 3.03 -5.95
N SER C 228 5.20 2.40 -5.32
CA SER C 228 5.50 1.41 -4.30
C SER C 228 5.17 0.02 -4.78
N SER C 229 4.53 -0.06 -5.95
CA SER C 229 4.17 -1.34 -6.53
C SER C 229 3.17 -2.07 -5.63
N GLN C 230 2.20 -1.33 -5.13
CA GLN C 230 1.18 -1.88 -4.24
C GLN C 230 -0.23 -1.59 -4.74
N TRP C 231 -1.14 -2.53 -4.45
CA TRP C 231 -2.52 -2.36 -4.85
C TRP C 231 -3.44 -2.30 -3.63
N ARG C 232 -4.55 -1.59 -3.77
CA ARG C 232 -5.52 -1.49 -2.68
C ARG C 232 -6.87 -1.23 -3.32
N SER C 233 -7.94 -1.56 -2.61
CA SER C 233 -9.26 -1.32 -3.16
C SER C 233 -10.19 -0.73 -2.13
N LEU C 234 -11.05 0.16 -2.62
CA LEU C 234 -12.03 0.80 -1.76
C LEU C 234 -13.40 0.23 -2.11
N ALA C 235 -14.30 0.21 -1.14
CA ALA C 235 -15.62 -0.30 -1.41
C ALA C 235 -16.48 0.80 -2.01
N LEU C 236 -17.34 0.43 -2.95
CA LEU C 236 -18.23 1.40 -3.57
C LEU C 236 -19.64 1.07 -3.08
N ARG C 237 -20.51 2.07 -3.07
CA ARG C 237 -21.88 1.88 -2.61
C ARG C 237 -22.70 3.09 -3.02
N ARG C 238 -23.60 2.89 -3.97
CA ARG C 238 -24.44 3.98 -4.48
C ARG C 238 -24.92 4.95 -3.40
N ALA C 239 -25.11 6.19 -3.81
CA ALA C 239 -25.56 7.25 -2.91
C ALA C 239 -27.04 7.54 -3.06
N SER C 240 -27.68 7.80 -1.92
CA SER C 240 -29.10 8.10 -1.88
C SER C 240 -29.44 9.16 -2.91
N GLY C 241 -30.41 8.86 -3.77
CA GLY C 241 -30.83 9.81 -4.78
C GLY C 241 -29.75 10.27 -5.74
N CYS C 242 -29.13 9.33 -6.43
CA CYS C 242 -28.10 9.69 -7.40
C CYS C 242 -28.79 10.19 -8.67
N PRO C 243 -28.28 11.29 -9.25
CA PRO C 243 -28.86 11.87 -10.47
C PRO C 243 -28.95 10.88 -11.63
N VAL C 244 -28.63 9.61 -11.39
CA VAL C 244 -28.68 8.60 -12.44
C VAL C 244 -29.21 7.26 -11.96
N CYS C 245 -28.32 6.42 -11.44
CA CYS C 245 -28.73 5.10 -10.97
C CYS C 245 -29.67 5.15 -9.75
N GLY C 246 -29.98 6.35 -9.29
CA GLY C 246 -30.86 6.52 -8.14
C GLY C 246 -32.17 5.76 -8.27
N MET D 3 20.24 16.02 -25.54
CA MET D 3 18.77 16.05 -25.77
C MET D 3 18.32 17.34 -26.45
N ASN D 4 17.45 17.21 -27.45
CA ASN D 4 16.93 18.35 -28.19
C ASN D 4 15.40 18.45 -28.10
N ASP D 5 14.82 19.43 -28.77
CA ASP D 5 13.36 19.60 -28.74
C ASP D 5 12.62 18.31 -29.09
N ARG D 6 13.30 17.42 -29.81
CA ARG D 6 12.72 16.14 -30.24
C ARG D 6 12.55 15.25 -29.01
N ASP D 7 13.66 14.98 -28.33
CA ASP D 7 13.65 14.16 -27.14
C ASP D 7 12.78 14.76 -26.02
N PHE D 8 12.79 16.09 -25.90
CA PHE D 8 11.99 16.75 -24.87
C PHE D 8 10.53 16.45 -25.07
N MET D 9 10.10 16.37 -26.32
CA MET D 9 8.71 16.04 -26.61
C MET D 9 8.42 14.55 -26.44
N ARG D 10 9.34 13.71 -26.90
CA ARG D 10 9.17 12.27 -26.80
C ARG D 10 9.05 11.86 -25.34
N TYR D 11 9.93 12.37 -24.51
CA TYR D 11 9.91 12.02 -23.10
C TYR D 11 9.21 13.04 -22.20
N SER D 12 8.48 13.98 -22.79
CA SER D 12 7.84 14.99 -21.96
C SER D 12 7.02 14.45 -20.78
N ARG D 13 6.24 13.38 -21.01
CA ARG D 13 5.43 12.82 -19.93
C ARG D 13 6.21 12.17 -18.78
N GLN D 14 7.50 11.93 -18.98
CA GLN D 14 8.33 11.39 -17.92
C GLN D 14 9.16 12.52 -17.33
N ILE D 15 9.68 13.38 -18.19
CA ILE D 15 10.51 14.50 -17.77
C ILE D 15 9.80 15.37 -16.74
N LEU D 16 8.49 15.58 -16.95
CA LEU D 16 7.70 16.39 -16.04
C LEU D 16 7.46 15.73 -14.68
N LEU D 17 7.71 14.44 -14.56
CA LEU D 17 7.50 13.74 -13.28
C LEU D 17 8.69 13.98 -12.37
N ASP D 18 8.41 14.41 -11.13
CA ASP D 18 9.46 14.68 -10.15
C ASP D 18 10.46 13.57 -9.91
N ASP D 19 9.98 12.33 -9.81
CA ASP D 19 10.84 11.18 -9.54
C ASP D 19 11.74 10.71 -10.68
N ILE D 20 11.45 11.18 -11.90
CA ILE D 20 12.26 10.83 -13.06
C ILE D 20 12.99 12.09 -13.46
N ALA D 21 12.24 13.01 -14.02
CA ALA D 21 12.79 14.29 -14.44
C ALA D 21 13.89 14.13 -15.47
N LEU D 22 14.58 15.24 -15.74
CA LEU D 22 15.66 15.27 -16.71
C LEU D 22 16.82 14.36 -16.30
N ASP D 23 17.08 14.31 -14.99
CA ASP D 23 18.15 13.45 -14.46
C ASP D 23 17.89 12.00 -14.85
N GLY D 24 16.75 11.48 -14.38
CA GLY D 24 16.36 10.12 -14.67
C GLY D 24 16.30 9.91 -16.17
N GLN D 25 15.62 10.81 -16.88
CA GLN D 25 15.53 10.67 -18.33
C GLN D 25 16.90 10.44 -18.93
N GLN D 26 17.91 11.04 -18.32
CA GLN D 26 19.28 10.89 -18.78
C GLN D 26 19.80 9.55 -18.34
N LYS D 27 19.53 9.15 -17.10
CA LYS D 27 20.00 7.86 -16.62
C LYS D 27 19.41 6.73 -17.48
N LEU D 28 18.18 6.93 -17.96
CA LEU D 28 17.55 5.91 -18.79
C LEU D 28 18.34 5.77 -20.07
N LEU D 29 18.52 6.90 -20.75
CA LEU D 29 19.24 6.95 -22.01
C LEU D 29 20.68 6.45 -21.92
N ASP D 30 21.23 6.34 -20.71
CA ASP D 30 22.61 5.86 -20.55
C ASP D 30 22.61 4.47 -19.95
N SER D 31 21.45 3.82 -19.97
CA SER D 31 21.31 2.49 -19.39
C SER D 31 21.12 1.39 -20.42
N GLN D 32 21.49 0.17 -20.04
CA GLN D 32 21.32 -1.00 -20.90
C GLN D 32 20.46 -2.08 -20.20
N VAL D 33 19.42 -2.52 -20.89
CA VAL D 33 18.51 -3.54 -20.37
C VAL D 33 18.50 -4.77 -21.28
N LEU D 34 18.85 -5.92 -20.69
CA LEU D 34 18.85 -7.19 -21.40
C LEU D 34 17.49 -7.85 -21.18
N ILE D 35 16.73 -8.04 -22.25
CA ILE D 35 15.44 -8.70 -22.16
C ILE D 35 15.57 -10.13 -22.71
N ILE D 36 15.75 -11.12 -21.85
CA ILE D 36 15.89 -12.48 -22.34
C ILE D 36 14.50 -13.08 -22.58
N GLY D 37 14.23 -13.46 -23.83
CA GLY D 37 12.96 -14.05 -24.17
C GLY D 37 12.00 -12.99 -24.65
N LEU D 38 11.42 -13.16 -25.82
CA LEU D 38 10.48 -12.18 -26.37
C LEU D 38 9.10 -12.76 -26.65
N GLY D 39 8.48 -13.31 -25.61
CA GLY D 39 7.15 -13.89 -25.74
C GLY D 39 6.04 -13.02 -25.19
N GLY D 40 5.16 -13.59 -24.37
CA GLY D 40 4.05 -12.85 -23.79
C GLY D 40 4.50 -11.83 -22.74
N LEU D 41 5.62 -12.11 -22.10
CA LEU D 41 6.20 -11.22 -21.09
C LEU D 41 7.07 -10.17 -21.79
N GLY D 42 8.15 -10.66 -22.41
CA GLY D 42 9.10 -9.80 -23.12
C GLY D 42 8.52 -8.88 -24.18
N THR D 43 7.47 -9.30 -24.86
CA THR D 43 6.91 -8.46 -25.88
C THR D 43 6.49 -7.08 -25.36
N PRO D 44 5.61 -7.04 -24.33
CA PRO D 44 5.17 -5.74 -23.80
C PRO D 44 6.28 -5.04 -23.01
N ALA D 45 7.11 -5.81 -22.33
CA ALA D 45 8.19 -5.24 -21.54
C ALA D 45 9.07 -4.39 -22.42
N ALA D 46 9.32 -4.87 -23.63
CA ALA D 46 10.15 -4.19 -24.60
C ALA D 46 9.46 -2.95 -25.12
N LEU D 47 8.17 -3.06 -25.42
CA LEU D 47 7.42 -1.92 -25.92
C LEU D 47 7.46 -0.72 -24.97
N TYR D 48 7.37 -0.98 -23.67
CA TYR D 48 7.39 0.09 -22.69
C TYR D 48 8.80 0.62 -22.41
N LEU D 49 9.79 -0.27 -22.43
CA LEU D 49 11.17 0.15 -22.19
C LEU D 49 11.75 0.98 -23.35
N ALA D 50 11.25 0.71 -24.55
CA ALA D 50 11.72 1.45 -25.70
C ALA D 50 11.04 2.80 -25.62
N GLY D 51 9.72 2.81 -25.58
CA GLY D 51 8.99 4.06 -25.51
C GLY D 51 9.39 4.95 -24.35
N ALA D 52 9.98 4.36 -23.32
CA ALA D 52 10.42 5.09 -22.14
C ALA D 52 11.82 5.67 -22.33
N GLY D 53 12.48 5.25 -23.40
CA GLY D 53 13.80 5.74 -23.67
C GLY D 53 14.92 5.06 -22.94
N VAL D 54 14.94 3.72 -22.91
CA VAL D 54 16.06 3.07 -22.27
C VAL D 54 17.11 3.09 -23.38
N GLY D 55 18.29 3.64 -23.08
CA GLY D 55 19.36 3.75 -24.06
C GLY D 55 19.72 2.54 -24.89
N THR D 56 19.91 1.40 -24.22
CA THR D 56 20.29 0.16 -24.89
C THR D 56 19.42 -1.03 -24.49
N LEU D 57 18.78 -1.63 -25.49
CA LEU D 57 17.94 -2.80 -25.28
C LEU D 57 18.50 -4.00 -26.00
N VAL D 58 19.02 -4.97 -25.25
CA VAL D 58 19.56 -6.19 -25.85
C VAL D 58 18.42 -7.23 -25.86
N LEU D 59 17.79 -7.44 -27.01
CA LEU D 59 16.67 -8.38 -27.16
C LEU D 59 17.09 -9.81 -27.57
N ALA D 60 17.07 -10.77 -26.65
CA ALA D 60 17.49 -12.15 -26.96
C ALA D 60 16.39 -13.20 -27.16
N ASP D 61 16.37 -13.88 -28.31
CA ASP D 61 15.39 -14.94 -28.56
C ASP D 61 15.69 -15.80 -29.79
N ASP D 62 15.82 -17.10 -29.54
CA ASP D 62 16.10 -18.08 -30.57
C ASP D 62 14.80 -18.81 -30.91
N ASP D 63 13.92 -18.16 -31.66
CA ASP D 63 12.62 -18.73 -32.04
C ASP D 63 11.86 -17.79 -32.98
N ASP D 64 10.94 -18.34 -33.77
CA ASP D 64 10.17 -17.56 -34.74
C ASP D 64 8.75 -17.28 -34.28
N VAL D 65 8.10 -16.29 -34.89
CA VAL D 65 6.73 -15.94 -34.54
C VAL D 65 5.75 -16.99 -35.04
N HIS D 66 5.09 -17.69 -34.12
CA HIS D 66 4.09 -18.70 -34.49
C HIS D 66 2.73 -18.05 -34.33
N LEU D 67 1.73 -18.52 -35.07
CA LEU D 67 0.39 -17.93 -34.99
C LEU D 67 -0.25 -18.00 -33.61
N SER D 68 0.12 -19.02 -32.82
CA SER D 68 -0.43 -19.17 -31.48
C SER D 68 0.24 -18.18 -30.52
N ASN D 69 0.79 -17.12 -31.09
CA ASN D 69 1.45 -16.08 -30.31
C ASN D 69 0.65 -14.80 -30.43
N LEU D 70 -0.03 -14.67 -31.56
CA LEU D 70 -0.83 -13.50 -31.86
C LEU D 70 -1.99 -13.15 -30.96
N GLN D 71 -2.10 -13.79 -29.80
CA GLN D 71 -3.19 -13.41 -28.89
C GLN D 71 -2.64 -12.77 -27.62
N ARG D 72 -1.33 -12.76 -27.46
CA ARG D 72 -0.72 -12.18 -26.27
C ARG D 72 0.68 -11.56 -26.47
N GLN D 73 1.23 -11.70 -27.67
CA GLN D 73 2.55 -11.16 -27.96
C GLN D 73 2.37 -9.93 -28.88
N ILE D 74 1.96 -8.83 -28.24
CA ILE D 74 1.66 -7.52 -28.82
C ILE D 74 2.53 -6.99 -29.96
N LEU D 75 3.83 -7.15 -29.82
CA LEU D 75 4.80 -6.67 -30.79
C LEU D 75 4.68 -7.24 -32.22
N PHE D 76 4.28 -8.51 -32.31
CA PHE D 76 4.16 -9.22 -33.59
C PHE D 76 2.82 -9.06 -34.28
N THR D 77 2.78 -9.41 -35.56
CA THR D 77 1.56 -9.33 -36.37
C THR D 77 1.44 -10.61 -37.20
N THR D 78 0.43 -10.70 -38.05
CA THR D 78 0.24 -11.89 -38.86
C THR D 78 1.35 -12.07 -39.92
N GLU D 79 1.66 -11.00 -40.66
CA GLU D 79 2.70 -11.06 -41.69
C GLU D 79 4.07 -11.45 -41.15
N ASP D 80 4.21 -11.50 -39.83
CA ASP D 80 5.50 -11.84 -39.20
C ASP D 80 5.68 -13.33 -38.90
N ILE D 81 4.62 -14.12 -39.09
CA ILE D 81 4.72 -15.54 -38.78
C ILE D 81 5.85 -16.20 -39.59
N ASP D 82 6.65 -17.01 -38.91
CA ASP D 82 7.77 -17.72 -39.48
C ASP D 82 9.11 -16.97 -39.42
N ARG D 83 9.08 -15.64 -39.28
CA ARG D 83 10.34 -14.89 -39.17
C ARG D 83 10.75 -14.79 -37.71
N PRO D 84 12.06 -14.72 -37.44
CA PRO D 84 12.59 -14.64 -36.08
C PRO D 84 12.03 -13.52 -35.21
N LYS D 85 11.55 -13.89 -34.03
CA LYS D 85 11.00 -12.90 -33.10
C LYS D 85 12.08 -11.86 -32.79
N SER D 86 13.30 -12.36 -32.59
CA SER D 86 14.46 -11.53 -32.32
C SER D 86 14.57 -10.34 -33.27
N GLN D 87 14.59 -10.61 -34.57
CA GLN D 87 14.71 -9.51 -35.47
C GLN D 87 13.39 -8.81 -35.75
N VAL D 88 12.25 -9.46 -35.53
CA VAL D 88 10.97 -8.78 -35.76
C VAL D 88 10.77 -7.75 -34.65
N SER D 89 11.28 -8.06 -33.46
CA SER D 89 11.20 -7.15 -32.32
C SER D 89 12.02 -5.91 -32.66
N GLN D 90 13.26 -6.13 -33.10
CA GLN D 90 14.17 -5.04 -33.48
C GLN D 90 13.52 -4.11 -34.51
N GLN D 91 12.81 -4.69 -35.47
CA GLN D 91 12.17 -3.89 -36.50
C GLN D 91 11.03 -3.04 -35.93
N ARG D 92 10.07 -3.69 -35.26
CA ARG D 92 8.92 -3.00 -34.68
C ARG D 92 9.34 -1.94 -33.69
N LEU D 93 10.29 -2.28 -32.82
CA LEU D 93 10.77 -1.35 -31.81
C LEU D 93 11.46 -0.13 -32.45
N THR D 94 12.22 -0.33 -33.52
CA THR D 94 12.89 0.78 -34.17
C THR D 94 11.86 1.78 -34.71
N GLN D 95 10.71 1.28 -35.16
CA GLN D 95 9.67 2.17 -35.68
C GLN D 95 9.11 3.03 -34.54
N LEU D 96 9.06 2.45 -33.34
CA LEU D 96 8.54 3.15 -32.17
C LEU D 96 9.49 4.25 -31.74
N ASN D 97 10.75 3.87 -31.53
CA ASN D 97 11.79 4.80 -31.13
C ASN D 97 13.05 4.59 -31.99
N PRO D 98 13.19 5.37 -33.06
CA PRO D 98 14.36 5.23 -33.93
C PRO D 98 15.59 5.76 -33.26
N ASP D 99 15.38 6.45 -32.13
CA ASP D 99 16.47 7.07 -31.42
C ASP D 99 17.21 6.31 -30.35
N ILE D 100 17.04 4.99 -30.27
CA ILE D 100 17.78 4.21 -29.27
C ILE D 100 18.45 2.99 -29.88
N GLN D 101 19.44 2.46 -29.17
CA GLN D 101 20.18 1.28 -29.61
C GLN D 101 19.35 -0.01 -29.35
N LEU D 102 18.95 -0.68 -30.43
CA LEU D 102 18.19 -1.92 -30.32
C LEU D 102 18.96 -3.11 -30.92
N THR D 103 19.66 -3.85 -30.06
CA THR D 103 20.45 -5.04 -30.43
C THR D 103 19.66 -6.34 -30.34
N ALA D 104 19.60 -7.09 -31.43
CA ALA D 104 18.87 -8.34 -31.45
C ALA D 104 19.77 -9.57 -31.39
N LEU D 105 19.58 -10.41 -30.38
CA LEU D 105 20.37 -11.64 -30.27
C LEU D 105 19.48 -12.81 -30.67
N GLN D 106 19.52 -13.19 -31.94
CA GLN D 106 18.72 -14.31 -32.40
C GLN D 106 19.37 -15.57 -31.91
N GLN D 107 19.20 -15.88 -30.64
CA GLN D 107 19.78 -17.08 -30.08
C GLN D 107 19.23 -17.39 -28.69
N ARG D 108 19.62 -18.55 -28.17
CA ARG D 108 19.20 -18.99 -26.86
C ARG D 108 20.37 -18.75 -25.92
N LEU D 109 20.27 -17.73 -25.07
CA LEU D 109 21.35 -17.41 -24.16
C LEU D 109 21.70 -18.54 -23.21
N THR D 110 22.98 -18.92 -23.17
CA THR D 110 23.45 -19.98 -22.29
C THR D 110 24.94 -19.80 -22.02
N GLY D 111 25.45 -20.61 -21.10
CA GLY D 111 26.87 -20.54 -20.76
C GLY D 111 27.48 -19.16 -20.84
N GLU D 112 28.56 -19.05 -21.60
CA GLU D 112 29.30 -17.79 -21.76
C GLU D 112 28.56 -16.69 -22.51
N ALA D 113 27.78 -17.05 -23.53
CA ALA D 113 27.01 -16.04 -24.28
C ALA D 113 26.23 -15.24 -23.25
N LEU D 114 25.50 -15.96 -22.40
CA LEU D 114 24.70 -15.37 -21.34
C LEU D 114 25.54 -14.55 -20.36
N LYS D 115 26.56 -15.18 -19.79
CA LYS D 115 27.43 -14.52 -18.84
C LYS D 115 27.98 -13.17 -19.30
N ASP D 116 28.09 -12.97 -20.61
CA ASP D 116 28.59 -11.70 -21.14
C ASP D 116 27.50 -10.64 -21.16
N ALA D 117 26.42 -10.95 -21.87
CA ALA D 117 25.30 -10.02 -21.97
C ALA D 117 24.82 -9.57 -20.57
N VAL D 118 24.79 -10.48 -19.61
CA VAL D 118 24.36 -10.14 -18.26
C VAL D 118 25.30 -9.08 -17.69
N ALA D 119 26.59 -9.30 -17.86
CA ALA D 119 27.60 -8.37 -17.37
C ALA D 119 27.47 -7.02 -18.08
N ARG D 120 27.13 -7.06 -19.36
CA ARG D 120 26.97 -5.86 -20.16
C ARG D 120 25.70 -5.12 -19.82
N ALA D 121 24.78 -5.79 -19.12
CA ALA D 121 23.51 -5.16 -18.79
C ALA D 121 23.46 -4.57 -17.39
N ASP D 122 22.70 -3.48 -17.24
CA ASP D 122 22.51 -2.81 -15.95
C ASP D 122 21.42 -3.56 -15.21
N VAL D 123 20.39 -3.93 -15.96
CA VAL D 123 19.25 -4.66 -15.44
C VAL D 123 18.90 -5.77 -16.43
N VAL D 124 18.65 -6.96 -15.89
CA VAL D 124 18.28 -8.13 -16.69
C VAL D 124 16.80 -8.46 -16.50
N LEU D 125 16.08 -8.62 -17.60
CA LEU D 125 14.69 -9.03 -17.51
C LEU D 125 14.58 -10.47 -17.98
N ASP D 126 14.13 -11.34 -17.09
CA ASP D 126 13.93 -12.74 -17.41
C ASP D 126 12.50 -12.80 -17.93
N CYS D 127 12.34 -13.13 -19.20
CA CYS D 127 11.01 -13.22 -19.80
C CYS D 127 10.94 -14.54 -20.52
N THR D 128 11.71 -15.49 -20.03
CA THR D 128 11.81 -16.82 -20.59
C THR D 128 11.06 -17.85 -19.79
N ASP D 129 9.74 -17.96 -19.96
CA ASP D 129 9.01 -18.97 -19.21
C ASP D 129 9.68 -20.34 -19.41
N ASN D 130 10.47 -20.75 -18.42
CA ASN D 130 11.23 -22.01 -18.42
C ASN D 130 12.20 -22.09 -17.23
N MET D 131 11.83 -22.91 -16.25
CA MET D 131 12.59 -23.11 -15.01
C MET D 131 14.09 -23.34 -15.10
N ALA D 132 14.51 -24.14 -16.06
CA ALA D 132 15.92 -24.44 -16.22
C ALA D 132 16.74 -23.19 -16.55
N THR D 133 16.23 -22.40 -17.49
CA THR D 133 16.91 -21.18 -17.91
C THR D 133 17.04 -20.16 -16.76
N ARG D 134 15.93 -19.90 -16.05
CA ARG D 134 15.92 -18.96 -14.94
C ARG D 134 17.06 -19.23 -13.98
N GLN D 135 17.19 -20.50 -13.62
CA GLN D 135 18.24 -20.92 -12.70
C GLN D 135 19.59 -20.48 -13.23
N GLU D 136 19.78 -20.58 -14.55
CA GLU D 136 21.04 -20.19 -15.16
C GLU D 136 21.16 -18.66 -15.20
N ILE D 137 20.10 -17.99 -15.63
CA ILE D 137 20.10 -16.53 -15.68
C ILE D 137 20.37 -16.02 -14.27
N ASN D 138 19.73 -16.65 -13.29
CA ASN D 138 19.88 -16.30 -11.90
C ASN D 138 21.35 -16.40 -11.48
N ALA D 139 21.93 -17.58 -11.64
CA ALA D 139 23.33 -17.80 -11.28
C ALA D 139 24.25 -16.75 -11.91
N ALA D 140 24.02 -16.44 -13.18
CA ALA D 140 24.81 -15.43 -13.88
C ALA D 140 24.65 -14.08 -13.19
N CYS D 141 23.40 -13.62 -13.11
CA CYS D 141 23.07 -12.35 -12.48
C CYS D 141 23.65 -12.22 -11.08
N VAL D 142 23.53 -13.26 -10.27
CA VAL D 142 24.05 -13.22 -8.91
C VAL D 142 25.56 -13.08 -8.91
N ALA D 143 26.22 -13.94 -9.68
CA ALA D 143 27.68 -13.92 -9.75
C ALA D 143 28.21 -12.58 -10.24
N LEU D 144 27.49 -11.96 -11.17
CA LEU D 144 27.90 -10.68 -11.72
C LEU D 144 27.27 -9.46 -11.06
N ASN D 145 26.59 -9.66 -9.93
CA ASN D 145 25.94 -8.58 -9.21
C ASN D 145 25.11 -7.68 -10.13
N THR D 146 24.19 -8.29 -10.86
CA THR D 146 23.34 -7.56 -11.77
C THR D 146 21.87 -7.83 -11.47
N PRO D 147 21.09 -6.76 -11.20
CA PRO D 147 19.67 -6.87 -10.89
C PRO D 147 18.94 -7.77 -11.88
N LEU D 148 18.08 -8.63 -11.33
CA LEU D 148 17.27 -9.56 -12.13
C LEU D 148 15.79 -9.38 -11.80
N ILE D 149 14.96 -9.31 -12.84
CA ILE D 149 13.52 -9.14 -12.66
C ILE D 149 12.81 -10.29 -13.40
N THR D 150 12.49 -11.38 -12.68
CA THR D 150 11.81 -12.56 -13.24
C THR D 150 10.29 -12.44 -13.13
N ALA D 151 9.57 -13.20 -13.96
CA ALA D 151 8.12 -13.15 -13.93
C ALA D 151 7.49 -14.32 -14.67
N SER D 152 6.42 -14.90 -14.11
CA SER D 152 5.76 -16.05 -14.73
C SER D 152 4.31 -15.75 -15.02
N ALA D 153 3.63 -16.70 -15.64
CA ALA D 153 2.21 -16.53 -15.91
C ALA D 153 1.63 -17.79 -16.53
N VAL D 154 0.61 -18.33 -15.87
CA VAL D 154 -0.10 -19.56 -16.29
C VAL D 154 -1.59 -19.33 -16.06
N GLY D 155 -2.40 -19.61 -17.06
CA GLY D 155 -3.83 -19.42 -16.92
C GLY D 155 -4.21 -17.99 -16.58
N PHE D 156 -4.71 -17.78 -15.37
CA PHE D 156 -5.10 -16.45 -14.93
C PHE D 156 -4.15 -15.95 -13.83
N GLY D 157 -3.12 -16.74 -13.53
CA GLY D 157 -2.20 -16.36 -12.49
C GLY D 157 -0.82 -15.93 -12.97
N GLY D 158 -0.20 -15.05 -12.19
CA GLY D 158 1.13 -14.59 -12.55
C GLY D 158 1.97 -14.33 -11.33
N GLN D 159 3.28 -14.29 -11.52
CA GLN D 159 4.21 -14.01 -10.43
C GLN D 159 5.21 -13.01 -10.94
N LEU D 160 6.02 -12.48 -10.02
CA LEU D 160 7.05 -11.51 -10.34
C LEU D 160 7.82 -11.16 -9.09
N MET D 161 9.14 -11.06 -9.21
CA MET D 161 10.00 -10.69 -8.09
C MET D 161 11.24 -9.99 -8.62
N VAL D 162 11.71 -9.00 -7.86
CA VAL D 162 12.87 -8.21 -8.19
C VAL D 162 14.00 -8.64 -7.27
N LEU D 163 15.13 -9.06 -7.86
CA LEU D 163 16.28 -9.50 -7.06
C LEU D 163 17.47 -8.61 -7.36
N THR D 164 18.04 -8.02 -6.31
CA THR D 164 19.15 -7.09 -6.49
C THR D 164 20.43 -7.33 -5.68
N PRO D 165 21.57 -6.89 -6.24
CA PRO D 165 22.95 -6.93 -5.79
C PRO D 165 23.34 -7.32 -4.36
N PRO D 166 22.69 -6.76 -3.34
CA PRO D 166 23.16 -7.20 -2.01
C PRO D 166 22.64 -8.62 -1.73
N TRP D 167 21.53 -8.94 -2.40
CA TRP D 167 20.87 -10.23 -2.26
C TRP D 167 20.45 -10.46 -0.82
N GLU D 168 20.09 -9.39 -0.13
CA GLU D 168 19.67 -9.49 1.28
C GLU D 168 18.62 -10.56 1.45
N GLN D 169 17.66 -10.60 0.52
CA GLN D 169 16.63 -11.62 0.58
C GLN D 169 17.27 -12.80 -0.10
N GLY D 170 16.49 -13.57 -0.84
CA GLY D 170 17.10 -14.70 -1.51
C GLY D 170 17.67 -14.38 -2.88
N CYS D 171 17.70 -15.41 -3.72
CA CYS D 171 18.13 -15.34 -5.10
C CYS D 171 17.12 -16.35 -5.65
N TYR D 172 17.10 -16.62 -6.94
CA TYR D 172 16.12 -17.58 -7.41
C TYR D 172 16.34 -18.98 -6.82
N ARG D 173 17.59 -19.34 -6.56
CA ARG D 173 17.88 -20.66 -6.01
C ARG D 173 17.54 -20.82 -4.54
N CYS D 174 17.28 -19.72 -3.85
CA CYS D 174 16.91 -19.80 -2.44
C CYS D 174 15.46 -20.19 -2.44
N LEU D 175 14.71 -19.62 -3.38
CA LEU D 175 13.31 -19.93 -3.49
C LEU D 175 13.16 -21.28 -4.16
N TRP D 176 14.14 -21.66 -4.99
CA TRP D 176 14.07 -22.94 -5.67
C TRP D 176 15.40 -23.67 -5.72
N PRO D 177 15.50 -24.78 -4.98
CA PRO D 177 16.73 -25.58 -4.95
C PRO D 177 16.79 -26.56 -6.13
N ASP D 178 15.61 -26.98 -6.60
CA ASP D 178 15.51 -27.92 -7.71
C ASP D 178 15.00 -27.25 -8.98
N ASN D 179 15.65 -27.57 -10.11
CA ASN D 179 15.27 -27.01 -11.40
C ASN D 179 13.77 -27.25 -11.66
N ALA D 189 -2.73 -26.08 -19.57
CA ALA D 189 -1.50 -25.35 -19.81
C ALA D 189 -1.73 -24.09 -20.64
N GLY D 190 -2.86 -23.42 -20.43
CA GLY D 190 -3.18 -22.19 -21.15
C GLY D 190 -2.67 -20.92 -20.49
N VAL D 191 -3.04 -19.76 -21.04
CA VAL D 191 -2.64 -18.46 -20.52
C VAL D 191 -3.54 -17.36 -21.06
N VAL D 192 -4.05 -16.53 -20.16
CA VAL D 192 -4.90 -15.41 -20.58
C VAL D 192 -3.93 -14.34 -21.09
N GLY D 193 -4.32 -13.64 -22.16
CA GLY D 193 -3.45 -12.62 -22.72
C GLY D 193 -3.12 -11.50 -21.75
N PRO D 194 -4.14 -10.79 -21.28
CA PRO D 194 -3.90 -9.70 -20.34
C PRO D 194 -3.15 -10.04 -19.05
N VAL D 195 -3.15 -11.31 -18.66
CA VAL D 195 -2.43 -11.65 -17.44
C VAL D 195 -0.93 -11.67 -17.68
N VAL D 196 -0.48 -12.12 -18.85
CA VAL D 196 0.97 -12.10 -19.09
C VAL D 196 1.35 -10.65 -19.31
N GLY D 197 0.47 -9.92 -19.99
CA GLY D 197 0.73 -8.53 -20.25
C GLY D 197 1.01 -7.78 -18.96
N VAL D 198 0.03 -7.76 -18.07
CA VAL D 198 0.20 -7.07 -16.81
C VAL D 198 1.54 -7.43 -16.16
N MET D 199 1.92 -8.69 -16.26
CA MET D 199 3.16 -9.13 -15.65
C MET D 199 4.39 -8.57 -16.32
N GLY D 200 4.38 -8.54 -17.65
CA GLY D 200 5.51 -8.04 -18.42
C GLY D 200 5.60 -6.54 -18.28
N THR D 201 4.47 -5.87 -18.48
CA THR D 201 4.40 -4.43 -18.36
C THR D 201 4.92 -4.03 -16.97
N LEU D 202 4.57 -4.84 -15.97
CA LEU D 202 5.03 -4.56 -14.62
C LEU D 202 6.53 -4.78 -14.54
N GLN D 203 7.07 -5.66 -15.37
CA GLN D 203 8.52 -5.91 -15.37
C GLN D 203 9.21 -4.67 -15.91
N ALA D 204 8.55 -3.96 -16.81
CA ALA D 204 9.10 -2.75 -17.40
C ALA D 204 9.16 -1.71 -16.28
N LEU D 205 8.02 -1.50 -15.62
CA LEU D 205 7.92 -0.55 -14.54
C LEU D 205 9.02 -0.72 -13.50
N GLU D 206 9.35 -1.95 -13.12
CA GLU D 206 10.40 -2.17 -12.13
C GLU D 206 11.79 -1.79 -12.65
N ALA D 207 12.06 -2.04 -13.93
CA ALA D 207 13.36 -1.70 -14.50
C ALA D 207 13.52 -0.18 -14.55
N ILE D 208 12.50 0.50 -15.08
CA ILE D 208 12.51 1.95 -15.14
C ILE D 208 12.82 2.51 -13.74
N LYS D 209 12.04 2.09 -12.76
CA LYS D 209 12.27 2.58 -11.41
C LYS D 209 13.66 2.25 -10.90
N LEU D 210 14.14 1.06 -11.21
CA LEU D 210 15.47 0.63 -10.76
C LEU D 210 16.57 1.47 -11.40
N LEU D 211 16.43 1.74 -12.70
CA LEU D 211 17.41 2.52 -13.44
C LEU D 211 17.43 4.00 -13.07
N SER D 212 16.24 4.61 -12.99
CA SER D 212 16.14 6.02 -12.67
C SER D 212 16.31 6.27 -11.17
N GLY D 213 16.77 5.25 -10.46
CA GLY D 213 17.00 5.38 -9.03
C GLY D 213 15.82 5.57 -8.10
N ILE D 214 14.64 5.12 -8.51
CA ILE D 214 13.46 5.24 -7.67
C ILE D 214 13.43 4.13 -6.63
N GLU D 215 13.02 4.49 -5.42
CA GLU D 215 12.95 3.55 -4.29
C GLU D 215 11.70 2.68 -4.35
N THR D 216 11.91 1.36 -4.43
CA THR D 216 10.82 0.40 -4.50
C THR D 216 11.13 -0.91 -3.79
N PRO D 217 10.10 -1.55 -3.23
CA PRO D 217 10.24 -2.82 -2.53
C PRO D 217 10.79 -3.91 -3.45
N ALA D 218 11.72 -4.69 -2.93
CA ALA D 218 12.30 -5.79 -3.67
C ALA D 218 12.49 -6.89 -2.66
N GLY D 219 12.55 -8.13 -3.13
CA GLY D 219 12.70 -9.24 -2.20
C GLY D 219 11.36 -9.72 -1.71
N GLU D 220 10.36 -9.56 -2.58
CA GLU D 220 9.01 -9.98 -2.29
C GLU D 220 8.46 -10.67 -3.52
N LEU D 221 7.88 -11.84 -3.34
CA LEU D 221 7.29 -12.55 -4.46
C LEU D 221 5.85 -12.08 -4.63
N ARG D 222 5.61 -11.19 -5.57
CA ARG D 222 4.26 -10.68 -5.79
C ARG D 222 3.46 -11.68 -6.61
N LEU D 223 2.24 -12.00 -6.16
CA LEU D 223 1.40 -12.96 -6.87
C LEU D 223 0.08 -12.36 -7.32
N PHE D 224 -0.32 -12.65 -8.56
CA PHE D 224 -1.56 -12.13 -9.11
C PHE D 224 -2.54 -13.25 -9.44
N ASP D 225 -3.82 -12.91 -9.42
CA ASP D 225 -4.90 -13.83 -9.69
C ASP D 225 -5.91 -13.02 -10.52
N GLY D 226 -5.90 -13.24 -11.82
CA GLY D 226 -6.79 -12.50 -12.69
C GLY D 226 -8.25 -12.89 -12.66
N LYS D 227 -8.54 -14.00 -11.97
CA LYS D 227 -9.91 -14.45 -11.86
C LYS D 227 -10.54 -13.74 -10.67
N SER D 228 -9.89 -13.85 -9.51
CA SER D 228 -10.38 -13.22 -8.30
C SER D 228 -10.02 -11.74 -8.24
N SER D 229 -9.00 -11.34 -9.01
CA SER D 229 -8.54 -9.96 -9.07
C SER D 229 -7.81 -9.55 -7.80
N GLN D 230 -6.99 -10.45 -7.27
CA GLN D 230 -6.27 -10.15 -6.05
C GLN D 230 -4.78 -10.38 -6.08
N TRP D 231 -4.06 -9.57 -5.32
CA TRP D 231 -2.61 -9.68 -5.23
C TRP D 231 -2.17 -10.18 -3.87
N ARG D 232 -1.16 -11.05 -3.86
CA ARG D 232 -0.60 -11.61 -2.64
C ARG D 232 0.90 -11.28 -2.64
N SER D 233 1.63 -11.77 -1.65
CA SER D 233 3.06 -11.51 -1.58
C SER D 233 3.68 -12.40 -0.54
N LEU D 234 4.78 -13.07 -0.89
CA LEU D 234 5.46 -13.90 0.09
C LEU D 234 6.78 -13.20 0.35
N ALA D 235 7.19 -13.16 1.61
CA ALA D 235 8.47 -12.54 1.91
C ALA D 235 9.51 -13.57 1.49
N LEU D 236 10.50 -13.14 0.71
CA LEU D 236 11.54 -14.05 0.27
C LEU D 236 12.64 -14.07 1.31
N ARG D 237 13.20 -15.23 1.56
CA ARG D 237 14.25 -15.38 2.55
C ARG D 237 15.45 -16.00 1.87
N ARG D 238 16.65 -15.64 2.33
CA ARG D 238 17.84 -16.23 1.73
C ARG D 238 18.12 -17.53 2.45
N ALA D 239 18.33 -18.59 1.67
CA ALA D 239 18.58 -19.90 2.25
C ALA D 239 19.98 -20.00 2.86
N SER D 240 20.02 -20.13 4.18
CA SER D 240 21.28 -20.27 4.89
C SER D 240 22.01 -21.45 4.28
N GLY D 241 22.95 -21.16 3.39
CA GLY D 241 23.69 -22.21 2.72
C GLY D 241 23.09 -22.51 1.35
N CYS D 242 23.13 -21.51 0.47
CA CYS D 242 22.60 -21.67 -0.88
C CYS D 242 23.74 -21.89 -1.87
N PRO D 243 23.56 -22.84 -2.79
CA PRO D 243 24.57 -23.16 -3.80
C PRO D 243 25.12 -21.96 -4.58
N VAL D 244 24.39 -20.86 -4.63
CA VAL D 244 24.89 -19.71 -5.37
C VAL D 244 25.07 -18.39 -4.63
N CYS D 245 24.01 -17.86 -4.01
CA CYS D 245 24.10 -16.57 -3.31
C CYS D 245 24.71 -16.63 -1.91
N GLY D 246 24.71 -17.81 -1.30
CA GLY D 246 25.26 -17.97 0.04
C GLY D 246 26.78 -17.99 0.06
ZN ZN E . 12.76 -21.20 11.59
PG ATP F . 17.23 5.93 20.11
O1G ATP F . 18.56 5.43 20.23
O2G ATP F . 16.89 7.42 20.47
O3G ATP F . 16.95 5.47 18.70
PB ATP F . 16.39 3.90 21.97
O1B ATP F . 17.11 2.67 21.52
O2B ATP F . 16.08 3.98 23.42
O3B ATP F . 16.22 5.15 21.04
PA ATP F . 14.19 2.38 20.85
O1A ATP F . 12.81 2.51 21.03
O2A ATP F . 14.74 1.86 19.52
O3A ATP F . 14.82 3.68 21.56
O5' ATP F . 14.74 1.42 21.97
C5' ATP F . 14.19 0.28 22.40
C4' ATP F . 14.72 -0.15 23.80
O4' ATP F . 15.19 -1.43 24.04
C3' ATP F . 15.79 0.84 24.46
O3' ATP F . 15.33 1.58 25.56
C2' ATP F . 16.94 -0.12 24.51
O2' ATP F . 17.77 0.32 25.54
C1' ATP F . 16.35 -1.43 24.79
N9 ATP F . 17.12 -2.63 24.45
C8 ATP F . 17.81 -2.92 23.31
N7 ATP F . 18.35 -4.15 23.39
C5 ATP F . 18.01 -4.66 24.60
C6 ATP F . 18.29 -5.90 25.24
N6 ATP F . 18.97 -6.91 24.72
N1 ATP F . 17.77 -6.11 26.51
C2 ATP F . 16.99 -5.15 27.17
N3 ATP F . 16.73 -3.95 26.52
C4 ATP F . 17.23 -3.70 25.27
ZN ZN G . -21.17 17.60 3.87
PG ATP H . -16.26 5.63 29.04
O1G ATP H . -17.51 6.29 29.32
O2G ATP H . -15.48 4.77 30.14
O3G ATP H . -16.65 4.92 27.78
PB ATP H . -15.18 8.33 28.46
O1B ATP H . -16.28 9.07 27.75
O2B ATP H . -14.20 9.22 29.19
O3B ATP H . -15.15 6.73 28.63
PA ATP H . -14.18 8.11 25.70
O1A ATP H . -12.85 8.02 25.23
O2A ATP H . -15.33 7.43 24.91
O3A ATP H . -14.08 7.88 27.31
O5' ATP H . -14.55 9.62 25.77
C5' ATP H . -13.89 10.59 25.11
C4' ATP H . -13.88 11.96 25.82
O4' ATP H . -14.44 13.08 25.24
C3' ATP H . -14.36 11.94 27.33
O3' ATP H . -13.31 12.17 28.24
C2' ATP H . -15.58 12.84 27.14
O2' ATP H . -15.83 13.44 28.39
C1' ATP H . -15.16 13.84 26.15
N9 ATP H . -16.19 14.56 25.38
C8 ATP H . -17.29 14.09 24.72
N7 ATP H . -17.94 15.11 24.12
C5 ATP H . -17.23 16.23 24.39
C6 ATP H . -17.41 17.59 24.03
N6 ATP H . -18.38 18.06 23.23
N1 ATP H . -16.49 18.52 24.50
C2 ATP H . -15.40 18.14 25.30
N3 ATP H . -15.25 16.81 25.63
C4 ATP H . -16.15 15.88 25.19
ZN ZN I . -25.46 6.48 -9.31
PG ATP J . -1.45 13.53 -23.75
O1G ATP J . -2.35 14.67 -24.00
O2G ATP J . -0.07 13.37 -24.62
O3G ATP J . -1.34 13.59 -22.22
PB ATP J . -3.68 11.96 -24.72
O1B ATP J . -4.86 12.71 -24.15
O2B ATP J . -3.89 11.30 -26.08
O3B ATP J . -2.21 12.14 -24.10
PA ATP J . -4.61 9.87 -22.85
O1A ATP J . -4.33 8.46 -22.80
O2A ATP J . -4.77 10.73 -21.52
O3A ATP J . -3.61 10.45 -23.98
O5' ATP J . -5.96 10.05 -23.65
C5' ATP J . -6.74 9.01 -24.06
C4' ATP J . -7.50 9.21 -25.39
O4' ATP J . -8.89 9.41 -25.46
C3' ATP J . -6.85 10.26 -26.40
O3' ATP J . -6.20 9.67 -27.52
C2' ATP J . -8.02 11.23 -26.47
O2' ATP J . -7.91 11.88 -27.72
C1' ATP J . -9.23 10.39 -26.39
N9 ATP J . -10.49 11.04 -25.96
C8 ATP J . -10.71 11.98 -25.01
N7 ATP J . -12.03 12.27 -24.94
C5 ATP J . -12.67 11.50 -25.87
C6 ATP J . -14.04 11.36 -26.27
N6 ATP J . -15.08 12.04 -25.76
N1 ATP J . -14.32 10.46 -27.27
C2 ATP J . -13.33 9.70 -27.88
N3 ATP J . -12.02 9.85 -27.48
C4 ATP J . -11.69 10.73 -26.50
ZN ZN K . 20.34 -18.11 -3.47
PG ATP L . 3.62 -20.77 -26.33
O1G ATP L . 4.42 -21.92 -26.54
O2G ATP L . 2.48 -20.32 -27.34
O3G ATP L . 3.21 -21.00 -24.90
PB ATP L . 6.09 -19.17 -26.46
O1B ATP L . 7.15 -19.94 -25.73
O2B ATP L . 6.59 -18.28 -27.56
O3B ATP L . 4.53 -19.45 -26.32
PA ATP L . 6.25 -17.51 -24.01
O1A ATP L . 5.94 -16.14 -23.84
O2A ATP L . 6.06 -18.45 -22.80
O3A ATP L . 5.66 -17.91 -25.48
O5' ATP L . 7.74 -17.62 -24.37
C5' ATP L . 8.70 -16.77 -23.96
C4' ATP L . 9.90 -16.68 -24.91
O4' ATP L . 11.20 -16.83 -24.48
C3' ATP L . 9.77 -17.52 -26.25
O3' ATP L . 9.42 -16.77 -27.38
C2' ATP L . 11.03 -18.37 -26.11
O2' ATP L . 11.51 -18.64 -27.40
C1' ATP L . 11.97 -17.56 -25.36
N9 ATP L . 12.99 -18.25 -24.58
C8 ATP L . 12.86 -19.31 -23.74
N7 ATP L . 14.05 -19.64 -23.21
C5 ATP L . 14.95 -18.77 -23.71
C6 ATP L . 16.35 -18.61 -23.52
N6 ATP L . 17.09 -19.33 -22.68
N1 ATP L . 16.99 -17.59 -24.21
C2 ATP L . 16.31 -16.75 -25.08
N3 ATP L . 14.94 -16.91 -25.26
C4 ATP L . 14.28 -17.91 -24.59
#